data_5RAF
#
_entry.id   5RAF
#
_cell.length_a   57.800
_cell.length_b   93.700
_cell.length_c   93.250
_cell.angle_alpha   90.000
_cell.angle_beta   107.840
_cell.angle_gamma   90.000
#
_symmetry.space_group_name_H-M   'P 1 21 1'
#
loop_
_entity.id
_entity.type
_entity.pdbx_description
1 polymer 'Lysine-specific demethylase 3B'
2 non-polymer (5~{R})-3,4,4-trimethyl-5-(oxidanylamino)-1,3-thiazolidine-2-thione
3 non-polymer 'CHLORIDE ION'
4 non-polymer 'MANGANESE (II) ION'
5 water water
#
_entity_poly.entity_id   1
_entity_poly.type   'polypeptide(L)'
_entity_poly.pdbx_seq_one_letter_code
;MHHHHHHSSGVDLGTENLYFQSMTSHSWLCDGRLLCLHDPSNKNNWKIFRECWKQGQPVLVSGVHKKLKSELWKPEAFSQ
EFGDQDVDLVNCRNCAIISDVKVRDFWDGFEIICKRLRSEDGQPMVLKLKDWPPGEDFRDMMPTRFEDLMENLPLPEYTK
RDGRLNLASRLPSYFVRPDLGPKMYNAYGLITAEDRRVGTTNLHLDVSDAVNVMVYVGIPIGEGAHDEEVLKTIDEGDAD
EVTKERIHDHKEKPGALWHIYAAKDAEKIRELLRKVGEEQGQENPPDHDPIHDQSWYLDQTLRKRLYEEYGVQGWAIVQF
LGDAVFIPAGAPHQVHNLYSCIKVAEDFVSPEHVKHCFRLTQEFRHLSNTHT
;
_entity_poly.pdbx_strand_id   A,B
#
loop_
_chem_comp.id
_chem_comp.type
_chem_comp.name
_chem_comp.formula
CL non-polymer 'CHLORIDE ION' 'Cl -1'
MN non-polymer 'MANGANESE (II) ION' 'Mn 2'
S5G non-polymer (5~{R})-3,4,4-trimethyl-5-(oxidanylamino)-1,3-thiazolidine-2-thione 'C6 H12 N2 O S2'
#
# COMPACT_ATOMS: atom_id res chain seq x y z
N SER A 22 -46.10 7.08 -21.94
CA SER A 22 -46.36 5.85 -21.11
C SER A 22 -45.11 5.51 -20.28
N MET A 23 -45.29 4.92 -19.11
CA MET A 23 -44.17 4.32 -18.32
C MET A 23 -43.67 3.08 -19.07
N THR A 24 -42.34 2.98 -19.21
CA THR A 24 -41.68 1.86 -19.92
C THR A 24 -40.55 1.32 -19.03
N SER A 25 -40.15 0.09 -19.28
CA SER A 25 -39.14 -0.60 -18.45
C SER A 25 -37.76 0.07 -18.64
N HIS A 26 -37.41 0.55 -19.85
CA HIS A 26 -36.06 1.03 -20.20
C HIS A 26 -36.08 1.85 -21.48
N SER A 27 -34.96 2.46 -21.77
CA SER A 27 -34.64 3.21 -23.00
C SER A 27 -33.13 3.18 -23.23
N TRP A 28 -32.67 3.84 -24.28
CA TRP A 28 -31.24 3.76 -24.66
C TRP A 28 -30.68 5.20 -24.72
N LEU A 29 -29.45 5.37 -24.28
CA LEU A 29 -28.71 6.64 -24.47
C LEU A 29 -27.44 6.30 -25.26
N CYS A 30 -26.56 7.28 -25.44
CA CYS A 30 -25.32 7.07 -26.23
C CYS A 30 -25.63 6.37 -27.55
N ASP A 31 -26.71 6.76 -28.23
CA ASP A 31 -27.11 6.22 -29.57
C ASP A 31 -27.28 4.71 -29.58
N GLY A 32 -27.85 4.10 -28.53
CA GLY A 32 -28.06 2.64 -28.37
C GLY A 32 -27.00 1.91 -27.62
N ARG A 33 -25.88 2.61 -27.28
CA ARG A 33 -24.72 1.95 -26.62
C ARG A 33 -24.88 1.93 -25.08
N LEU A 34 -25.87 2.61 -24.49
CA LEU A 34 -26.00 2.66 -23.00
C LEU A 34 -27.44 2.28 -22.61
N LEU A 35 -27.62 1.21 -21.84
CA LEU A 35 -28.92 0.83 -21.21
C LEU A 35 -29.29 1.86 -20.15
N CYS A 36 -30.52 2.39 -20.20
CA CYS A 36 -31.13 3.23 -19.12
C CYS A 36 -32.39 2.54 -18.57
N LEU A 37 -32.29 1.94 -17.38
CA LEU A 37 -33.44 1.32 -16.67
C LEU A 37 -34.27 2.40 -15.98
N HIS A 38 -35.61 2.31 -16.05
CA HIS A 38 -36.47 3.43 -15.54
C HIS A 38 -37.04 3.24 -14.11
N ASP A 39 -37.16 2.03 -13.62
CA ASP A 39 -37.78 1.66 -12.33
C ASP A 39 -36.71 1.01 -11.47
N PRO A 40 -36.14 1.73 -10.47
CA PRO A 40 -35.06 1.15 -9.66
C PRO A 40 -35.39 -0.12 -8.86
N SER A 41 -36.67 -0.42 -8.61
CA SER A 41 -37.08 -1.54 -7.75
C SER A 41 -37.87 -2.57 -8.56
N ASN A 42 -37.82 -2.49 -9.91
CA ASN A 42 -38.42 -3.54 -10.77
C ASN A 42 -37.66 -4.85 -10.60
N LYS A 43 -38.34 -5.90 -10.10
CA LYS A 43 -37.76 -7.24 -9.81
C LYS A 43 -37.24 -7.95 -11.07
N ASN A 44 -37.60 -7.49 -12.28
CA ASN A 44 -37.18 -8.09 -13.60
C ASN A 44 -36.00 -7.31 -14.25
N ASN A 45 -35.39 -6.35 -13.58
CA ASN A 45 -34.29 -5.52 -14.17
C ASN A 45 -33.09 -6.41 -14.54
N TRP A 46 -32.81 -7.44 -13.75
CA TRP A 46 -31.62 -8.31 -13.96
C TRP A 46 -31.62 -8.89 -15.39
N LYS A 47 -32.79 -9.20 -15.96
CA LYS A 47 -32.90 -9.87 -17.29
C LYS A 47 -32.26 -9.01 -18.41
N ILE A 48 -32.57 -7.71 -18.42
CA ILE A 48 -32.05 -6.69 -19.40
C ILE A 48 -30.59 -6.30 -19.03
N PHE A 49 -30.32 -6.13 -17.73
CA PHE A 49 -29.02 -5.69 -17.17
C PHE A 49 -27.89 -6.66 -17.51
N ARG A 50 -28.12 -7.95 -17.26
N ARG A 50 -28.09 -7.95 -17.27
CA ARG A 50 -27.07 -9.01 -17.29
CA ARG A 50 -26.97 -8.92 -17.29
C ARG A 50 -26.43 -9.09 -18.68
C ARG A 50 -26.40 -9.08 -18.70
N GLU A 51 -27.23 -8.95 -19.74
CA GLU A 51 -26.77 -8.98 -21.17
C GLU A 51 -25.78 -7.83 -21.48
N CYS A 52 -26.09 -6.61 -21.02
CA CYS A 52 -25.21 -5.43 -21.27
C CYS A 52 -23.94 -5.52 -20.38
N TRP A 53 -24.13 -5.93 -19.14
CA TRP A 53 -23.06 -5.98 -18.12
C TRP A 53 -21.99 -7.00 -18.49
N LYS A 54 -22.40 -8.15 -19.07
CA LYS A 54 -21.46 -9.22 -19.50
C LYS A 54 -20.57 -8.69 -20.64
N GLN A 55 -21.02 -7.69 -21.40
CA GLN A 55 -20.26 -7.12 -22.55
C GLN A 55 -19.29 -6.03 -22.10
N GLY A 56 -19.23 -5.73 -20.81
CA GLY A 56 -18.28 -4.71 -20.30
C GLY A 56 -18.83 -3.29 -20.37
N GLN A 57 -20.13 -3.14 -20.59
CA GLN A 57 -20.75 -1.78 -20.69
C GLN A 57 -21.13 -1.22 -19.33
N PRO A 58 -21.03 0.12 -19.15
CA PRO A 58 -21.74 0.77 -18.05
C PRO A 58 -23.25 0.73 -18.27
N VAL A 59 -24.00 0.98 -17.20
CA VAL A 59 -25.49 0.99 -17.18
C VAL A 59 -25.95 2.17 -16.31
N LEU A 60 -27.05 2.83 -16.70
CA LEU A 60 -27.64 3.95 -15.93
C LEU A 60 -29.00 3.46 -15.39
N VAL A 61 -29.32 3.74 -14.12
CA VAL A 61 -30.69 3.51 -13.58
C VAL A 61 -31.24 4.85 -13.04
N SER A 62 -32.39 5.31 -13.57
CA SER A 62 -32.99 6.60 -13.15
C SER A 62 -34.03 6.37 -12.03
N GLY A 63 -34.29 7.44 -11.23
CA GLY A 63 -35.43 7.52 -10.30
C GLY A 63 -35.11 7.16 -8.88
N VAL A 64 -33.84 6.92 -8.46
CA VAL A 64 -33.48 6.45 -7.10
C VAL A 64 -33.87 7.53 -6.06
N HIS A 65 -33.84 8.80 -6.46
CA HIS A 65 -34.15 9.95 -5.53
C HIS A 65 -35.58 9.79 -4.99
N LYS A 66 -36.49 9.32 -5.83
CA LYS A 66 -37.91 9.13 -5.44
C LYS A 66 -38.06 8.02 -4.37
N LYS A 67 -37.07 7.14 -4.17
CA LYS A 67 -37.11 6.06 -3.18
C LYS A 67 -36.55 6.50 -1.83
N LEU A 68 -35.82 7.63 -1.77
CA LEU A 68 -35.02 8.03 -0.59
C LEU A 68 -35.82 9.02 0.28
N LYS A 69 -35.41 9.17 1.52
CA LYS A 69 -35.90 10.25 2.44
C LYS A 69 -35.10 11.54 2.18
N SER A 70 -35.67 12.44 1.38
CA SER A 70 -35.02 13.65 0.81
C SER A 70 -34.42 14.53 1.92
N GLU A 71 -35.00 14.53 3.12
CA GLU A 71 -34.51 15.37 4.27
C GLU A 71 -33.14 14.88 4.80
N LEU A 72 -32.77 13.60 4.60
CA LEU A 72 -31.50 13.03 5.08
C LEU A 72 -30.35 13.44 4.12
N TRP A 73 -30.61 14.02 2.95
CA TRP A 73 -29.54 14.21 1.93
C TRP A 73 -29.31 15.69 1.61
N LYS A 74 -29.62 16.60 2.54
CA LYS A 74 -29.51 18.06 2.31
C LYS A 74 -28.19 18.57 2.88
N PRO A 75 -27.51 19.48 2.15
CA PRO A 75 -26.28 20.09 2.63
C PRO A 75 -26.42 20.78 4.02
N GLU A 76 -27.53 21.46 4.29
CA GLU A 76 -27.76 22.18 5.60
C GLU A 76 -27.79 21.17 6.76
N ALA A 77 -28.34 19.96 6.57
CA ALA A 77 -28.39 18.91 7.62
C ALA A 77 -26.97 18.42 7.91
N PHE A 78 -26.14 18.20 6.87
CA PHE A 78 -24.77 17.72 7.09
C PHE A 78 -24.01 18.77 7.91
N SER A 79 -24.24 20.03 7.58
CA SER A 79 -23.50 21.13 8.26
C SER A 79 -23.90 21.21 9.75
N GLN A 80 -25.20 21.12 10.05
CA GLN A 80 -25.76 21.19 11.42
C GLN A 80 -25.29 20.02 12.27
N GLU A 81 -25.33 18.77 11.74
CA GLU A 81 -25.05 17.54 12.51
C GLU A 81 -23.53 17.29 12.66
N PHE A 82 -22.68 17.66 11.68
CA PHE A 82 -21.26 17.23 11.63
C PHE A 82 -20.29 18.40 11.44
N GLY A 83 -20.77 19.65 11.53
CA GLY A 83 -20.01 20.85 11.12
C GLY A 83 -18.71 21.10 11.87
N ASP A 84 -18.56 20.57 13.09
CA ASP A 84 -17.34 20.77 13.94
C ASP A 84 -16.22 19.78 13.65
N GLN A 85 -16.42 18.78 12.78
CA GLN A 85 -15.33 17.88 12.39
C GLN A 85 -14.23 18.56 11.57
N ASP A 86 -12.98 18.18 11.80
CA ASP A 86 -11.79 18.66 11.05
C ASP A 86 -11.56 17.86 9.75
N VAL A 87 -11.22 18.53 8.64
CA VAL A 87 -11.14 17.88 7.31
C VAL A 87 -10.13 18.62 6.46
N ASP A 88 -9.71 18.01 5.34
CA ASP A 88 -8.94 18.70 4.30
C ASP A 88 -9.84 18.84 3.06
N LEU A 89 -9.66 19.94 2.33
CA LEU A 89 -10.34 20.21 1.03
C LEU A 89 -9.30 20.19 -0.07
N VAL A 90 -9.73 20.03 -1.31
CA VAL A 90 -8.89 20.28 -2.52
C VAL A 90 -9.48 21.40 -3.38
N ASN A 91 -8.60 22.32 -3.83
CA ASN A 91 -8.92 23.36 -4.83
C ASN A 91 -8.94 22.67 -6.21
N CYS A 92 -10.11 22.47 -6.82
CA CYS A 92 -10.20 21.68 -8.09
C CYS A 92 -9.43 22.33 -9.25
N ARG A 93 -9.21 23.65 -9.23
CA ARG A 93 -8.55 24.41 -10.33
C ARG A 93 -7.05 24.15 -10.38
N ASN A 94 -6.37 23.94 -9.24
CA ASN A 94 -4.89 23.83 -9.21
C ASN A 94 -4.42 22.64 -8.36
N CYS A 95 -5.31 21.81 -7.81
CA CYS A 95 -5.02 20.66 -6.91
C CYS A 95 -4.34 21.06 -5.58
N ALA A 96 -4.29 22.33 -5.20
CA ALA A 96 -3.78 22.75 -3.87
C ALA A 96 -4.68 22.15 -2.76
N ILE A 97 -4.04 21.68 -1.69
CA ILE A 97 -4.74 21.11 -0.50
C ILE A 97 -4.97 22.22 0.55
N ILE A 98 -6.20 22.35 1.04
CA ILE A 98 -6.56 23.29 2.14
C ILE A 98 -6.66 22.43 3.40
N SER A 99 -5.64 22.50 4.27
CA SER A 99 -5.46 21.58 5.43
C SER A 99 -6.22 22.01 6.69
N ASP A 100 -6.83 21.04 7.36
CA ASP A 100 -7.29 21.13 8.76
C ASP A 100 -8.28 22.28 8.95
N VAL A 101 -9.34 22.33 8.14
CA VAL A 101 -10.45 23.30 8.34
C VAL A 101 -11.68 22.55 8.86
N LYS A 102 -12.73 23.26 9.29
CA LYS A 102 -13.99 22.64 9.75
C LYS A 102 -14.84 22.26 8.56
N VAL A 103 -15.54 21.14 8.68
CA VAL A 103 -16.39 20.67 7.55
C VAL A 103 -17.55 21.67 7.28
N ARG A 104 -18.01 22.45 8.26
CA ARG A 104 -19.01 23.54 7.95
C ARG A 104 -18.43 24.55 6.96
N ASP A 105 -17.12 24.79 6.90
CA ASP A 105 -16.52 25.81 5.98
C ASP A 105 -16.77 25.36 4.52
N PHE A 106 -16.86 24.04 4.29
CA PHE A 106 -17.24 23.48 2.96
C PHE A 106 -18.75 23.55 2.79
N TRP A 107 -19.54 22.99 3.73
CA TRP A 107 -21.01 22.85 3.52
C TRP A 107 -21.71 24.22 3.40
N ASP A 108 -21.31 25.21 4.18
CA ASP A 108 -22.04 26.51 4.17
C ASP A 108 -21.84 27.29 2.85
N GLY A 109 -20.83 26.96 2.03
CA GLY A 109 -20.66 27.54 0.70
C GLY A 109 -21.15 26.63 -0.46
N PHE A 110 -21.85 25.55 -0.17
CA PHE A 110 -22.21 24.51 -1.19
C PHE A 110 -23.09 25.14 -2.28
N GLU A 111 -24.02 26.00 -1.88
CA GLU A 111 -24.93 26.70 -2.85
C GLU A 111 -24.80 28.22 -2.80
N ILE A 112 -24.45 28.78 -1.66
CA ILE A 112 -24.31 30.25 -1.55
C ILE A 112 -22.89 30.67 -1.88
N ILE A 113 -22.67 31.25 -3.05
CA ILE A 113 -21.32 31.53 -3.60
C ILE A 113 -20.56 32.55 -2.71
N CYS A 114 -21.28 33.57 -2.15
CA CYS A 114 -20.82 34.67 -1.22
C CYS A 114 -20.28 34.04 0.08
N LYS A 115 -20.38 32.73 0.31
CA LYS A 115 -19.86 32.14 1.58
C LYS A 115 -18.64 31.26 1.29
N ARG A 116 -18.20 31.11 0.04
CA ARG A 116 -17.07 30.21 -0.25
C ARG A 116 -15.72 30.79 0.17
N LEU A 117 -14.80 29.95 0.64
CA LEU A 117 -13.38 30.28 0.83
C LEU A 117 -12.83 30.85 -0.49
N ARG A 118 -12.04 31.92 -0.42
CA ARG A 118 -11.47 32.63 -1.61
C ARG A 118 -9.99 32.33 -1.79
N SER A 119 -9.56 32.22 -3.07
CA SER A 119 -8.14 32.14 -3.47
C SER A 119 -7.55 33.57 -3.42
N GLU A 120 -6.23 33.68 -3.57
CA GLU A 120 -5.46 34.97 -3.57
C GLU A 120 -6.09 35.96 -4.57
N ASP A 121 -6.46 35.50 -5.76
CA ASP A 121 -7.08 36.35 -6.81
C ASP A 121 -8.42 36.93 -6.33
N GLY A 122 -8.87 36.54 -5.13
CA GLY A 122 -10.16 36.95 -4.56
C GLY A 122 -11.38 36.32 -5.21
N GLN A 123 -11.23 35.23 -5.97
CA GLN A 123 -12.40 34.51 -6.55
C GLN A 123 -12.87 33.46 -5.54
N PRO A 124 -14.17 33.11 -5.52
CA PRO A 124 -14.60 31.97 -4.72
C PRO A 124 -14.02 30.67 -5.34
N MET A 125 -13.49 29.80 -4.49
CA MET A 125 -12.86 28.53 -4.95
C MET A 125 -13.90 27.47 -5.30
N VAL A 126 -13.52 26.62 -6.28
CA VAL A 126 -14.28 25.37 -6.56
C VAL A 126 -13.65 24.25 -5.78
N LEU A 127 -14.31 23.78 -4.73
CA LEU A 127 -13.71 22.88 -3.71
C LEU A 127 -14.34 21.48 -3.76
N LYS A 128 -13.51 20.49 -3.47
CA LYS A 128 -13.87 19.08 -3.23
C LYS A 128 -13.57 18.76 -1.76
N LEU A 129 -14.50 18.14 -1.05
CA LEU A 129 -14.32 17.65 0.34
C LEU A 129 -13.64 16.27 0.28
N LYS A 130 -12.40 16.17 0.80
CA LYS A 130 -11.57 14.93 0.68
C LYS A 130 -11.98 13.92 1.78
N ASP A 131 -12.16 12.64 1.41
CA ASP A 131 -12.20 11.48 2.35
C ASP A 131 -13.13 11.75 3.54
N TRP A 132 -14.41 12.01 3.31
CA TRP A 132 -15.43 12.34 4.34
C TRP A 132 -16.77 11.72 4.01
N PRO A 133 -17.41 10.94 4.92
CA PRO A 133 -16.78 10.41 6.13
C PRO A 133 -15.50 9.58 5.85
N PRO A 134 -14.52 9.59 6.79
CA PRO A 134 -13.21 9.02 6.50
C PRO A 134 -13.16 7.46 6.52
N GLY A 135 -12.28 6.90 5.70
CA GLY A 135 -12.10 5.43 5.53
C GLY A 135 -13.43 4.72 5.40
N GLU A 136 -13.70 3.78 6.31
CA GLU A 136 -14.91 2.89 6.31
C GLU A 136 -15.94 3.39 7.32
N ASP A 137 -15.86 4.66 7.77
CA ASP A 137 -16.66 5.15 8.93
C ASP A 137 -18.09 5.62 8.56
N PHE A 138 -18.56 5.51 7.32
CA PHE A 138 -19.90 6.05 6.94
C PHE A 138 -21.00 5.43 7.83
N ARG A 139 -21.02 4.11 7.99
CA ARG A 139 -22.09 3.37 8.69
C ARG A 139 -22.12 3.78 10.18
N ASP A 140 -20.96 3.85 10.81
CA ASP A 140 -20.81 4.27 12.24
C ASP A 140 -21.32 5.71 12.41
N MET A 141 -20.92 6.62 11.53
CA MET A 141 -21.19 8.08 11.68
C MET A 141 -22.64 8.40 11.31
N MET A 142 -23.21 7.71 10.29
CA MET A 142 -24.54 8.04 9.73
C MET A 142 -25.39 6.78 9.55
N PRO A 143 -25.76 6.07 10.65
CA PRO A 143 -26.54 4.82 10.55
C PRO A 143 -27.87 4.95 9.82
N THR A 144 -28.59 6.07 9.94
CA THR A 144 -29.90 6.27 9.30
C THR A 144 -29.73 6.47 7.77
N ARG A 145 -28.73 7.26 7.34
CA ARG A 145 -28.36 7.46 5.90
C ARG A 145 -27.96 6.11 5.29
N PHE A 146 -27.11 5.35 5.99
CA PHE A 146 -26.65 4.01 5.58
C PHE A 146 -27.86 3.15 5.22
N GLU A 147 -28.82 3.01 6.15
CA GLU A 147 -30.04 2.20 5.95
C GLU A 147 -30.84 2.69 4.74
N ASP A 148 -31.08 4.00 4.61
CA ASP A 148 -31.88 4.63 3.55
C ASP A 148 -31.25 4.30 2.18
N LEU A 149 -29.93 4.34 2.12
CA LEU A 149 -29.23 4.10 0.82
C LEU A 149 -29.25 2.61 0.54
N MET A 150 -28.79 1.79 1.48
CA MET A 150 -28.53 0.35 1.17
C MET A 150 -29.83 -0.37 0.83
N GLU A 151 -30.97 0.06 1.39
CA GLU A 151 -32.29 -0.58 1.18
C GLU A 151 -32.91 -0.17 -0.16
N ASN A 152 -32.35 0.84 -0.83
CA ASN A 152 -32.94 1.36 -2.08
C ASN A 152 -31.93 1.28 -3.25
N LEU A 153 -30.80 0.63 -3.09
CA LEU A 153 -29.86 0.41 -4.23
C LEU A 153 -30.56 -0.44 -5.29
N PRO A 154 -30.43 -0.09 -6.57
CA PRO A 154 -30.93 -0.97 -7.65
C PRO A 154 -30.08 -2.22 -7.85
N LEU A 155 -30.60 -3.25 -8.56
CA LEU A 155 -29.91 -4.55 -8.85
C LEU A 155 -29.36 -5.10 -7.52
N PRO A 156 -30.23 -5.27 -6.49
CA PRO A 156 -29.75 -5.61 -5.14
C PRO A 156 -29.03 -6.97 -5.02
N GLU A 157 -29.27 -7.94 -5.91
CA GLU A 157 -28.52 -9.23 -5.84
C GLU A 157 -27.04 -8.98 -6.17
N TYR A 158 -26.72 -7.96 -6.97
CA TYR A 158 -25.33 -7.53 -7.26
C TYR A 158 -24.79 -6.56 -6.19
N THR A 159 -25.57 -5.59 -5.74
CA THR A 159 -25.06 -4.38 -5.04
C THR A 159 -25.12 -4.48 -3.49
N LYS A 160 -25.99 -5.30 -2.90
CA LYS A 160 -26.07 -5.44 -1.41
C LYS A 160 -24.88 -6.25 -0.89
N ARG A 161 -24.43 -5.95 0.34
CA ARG A 161 -23.17 -6.52 0.87
C ARG A 161 -23.21 -8.06 0.80
N ASP A 162 -24.37 -8.64 1.02
CA ASP A 162 -24.67 -10.09 1.10
C ASP A 162 -25.47 -10.56 -0.11
N GLY A 163 -25.62 -9.75 -1.17
CA GLY A 163 -26.35 -10.24 -2.36
C GLY A 163 -25.75 -11.51 -2.91
N ARG A 164 -26.58 -12.35 -3.53
CA ARG A 164 -26.11 -13.66 -4.08
C ARG A 164 -25.14 -13.48 -5.24
N LEU A 165 -25.19 -12.37 -5.99
CA LEU A 165 -24.28 -12.18 -7.11
C LEU A 165 -23.16 -11.19 -6.75
N ASN A 166 -22.98 -10.91 -5.46
CA ASN A 166 -21.84 -10.09 -4.97
C ASN A 166 -20.84 -11.05 -4.31
N LEU A 167 -19.71 -11.28 -4.93
CA LEU A 167 -18.70 -12.25 -4.44
C LEU A 167 -17.77 -11.57 -3.42
N ALA A 168 -17.97 -10.32 -3.07
CA ALA A 168 -17.00 -9.59 -2.20
C ALA A 168 -16.73 -10.36 -0.89
N SER A 169 -17.75 -10.91 -0.25
CA SER A 169 -17.60 -11.57 1.07
C SER A 169 -17.19 -13.03 0.93
N ARG A 170 -17.02 -13.53 -0.29
CA ARG A 170 -16.96 -14.98 -0.58
C ARG A 170 -15.61 -15.33 -1.20
N LEU A 171 -14.66 -14.41 -1.29
CA LEU A 171 -13.43 -14.68 -2.07
C LEU A 171 -12.21 -14.85 -1.15
N PRO A 172 -11.28 -15.74 -1.52
CA PRO A 172 -10.05 -15.88 -0.75
C PRO A 172 -9.08 -14.71 -1.06
N SER A 173 -7.93 -14.71 -0.37
CA SER A 173 -6.93 -13.62 -0.44
C SER A 173 -6.18 -13.54 -1.77
N TYR A 174 -6.39 -14.49 -2.67
CA TYR A 174 -5.91 -14.44 -4.06
C TYR A 174 -6.66 -13.35 -4.87
N PHE A 175 -7.70 -12.75 -4.29
CA PHE A 175 -8.46 -11.61 -4.90
C PHE A 175 -8.35 -10.35 -4.04
N VAL A 176 -8.19 -9.19 -4.69
CA VAL A 176 -8.27 -7.88 -4.00
C VAL A 176 -9.73 -7.64 -3.66
N ARG A 177 -10.03 -7.49 -2.38
CA ARG A 177 -11.40 -7.28 -1.89
C ARG A 177 -11.66 -5.79 -1.64
N PRO A 178 -12.86 -5.26 -1.98
CA PRO A 178 -13.16 -3.84 -1.72
C PRO A 178 -13.31 -3.55 -0.23
N ASP A 179 -13.05 -2.30 0.18
CA ASP A 179 -13.27 -1.83 1.57
C ASP A 179 -14.77 -1.90 1.82
N LEU A 180 -15.17 -1.84 3.10
CA LEU A 180 -16.58 -1.69 3.52
C LEU A 180 -17.04 -0.28 3.18
N GLY A 181 -18.18 -0.15 2.51
CA GLY A 181 -18.66 1.14 1.98
C GLY A 181 -19.89 1.52 2.78
N PRO A 182 -20.73 2.43 2.28
CA PRO A 182 -20.44 3.21 1.09
C PRO A 182 -19.45 4.36 1.35
N LYS A 183 -19.09 5.09 0.29
CA LYS A 183 -18.20 6.28 0.29
C LYS A 183 -18.98 7.47 -0.29
N MET A 184 -18.85 8.64 0.33
CA MET A 184 -19.54 9.87 -0.07
C MET A 184 -18.56 10.76 -0.83
N TYR A 185 -19.02 11.39 -1.92
CA TYR A 185 -18.23 12.22 -2.85
C TYR A 185 -18.96 13.55 -2.97
N ASN A 186 -18.36 14.59 -2.35
CA ASN A 186 -19.00 15.93 -2.20
C ASN A 186 -18.07 16.95 -2.82
N ALA A 187 -18.56 17.76 -3.75
CA ALA A 187 -17.77 18.80 -4.43
C ALA A 187 -18.67 19.84 -5.09
N TYR A 188 -18.13 21.06 -5.21
CA TYR A 188 -18.82 22.18 -5.87
C TYR A 188 -18.85 21.92 -7.40
N GLY A 189 -19.68 22.65 -8.15
CA GLY A 189 -19.67 22.64 -9.63
C GLY A 189 -18.55 23.49 -10.22
N LEU A 190 -18.01 23.07 -11.33
CA LEU A 190 -17.03 23.86 -12.13
C LEU A 190 -17.86 24.89 -12.91
N ILE A 191 -17.30 26.09 -13.07
CA ILE A 191 -18.10 27.31 -13.40
C ILE A 191 -17.71 27.88 -14.77
N THR A 192 -16.42 28.10 -15.03
CA THR A 192 -15.93 28.97 -16.14
C THR A 192 -15.56 28.18 -17.40
N ALA A 193 -15.28 28.90 -18.49
CA ALA A 193 -14.77 28.32 -19.76
C ALA A 193 -13.43 27.62 -19.47
N GLU A 194 -12.53 28.22 -18.69
CA GLU A 194 -11.24 27.59 -18.28
C GLU A 194 -11.53 26.30 -17.49
N ASP A 195 -12.57 26.30 -16.66
CA ASP A 195 -12.89 25.13 -15.79
C ASP A 195 -13.25 23.91 -16.66
N ARG A 196 -13.65 24.11 -17.93
CA ARG A 196 -14.15 23.02 -18.80
C ARG A 196 -13.06 21.93 -18.97
N ARG A 197 -11.78 22.27 -18.85
CA ARG A 197 -10.63 21.35 -19.06
C ARG A 197 -10.19 20.66 -17.75
N VAL A 198 -10.87 20.87 -16.63
CA VAL A 198 -10.48 20.40 -15.28
C VAL A 198 -11.44 19.26 -14.90
N GLY A 199 -10.98 18.31 -14.10
CA GLY A 199 -11.84 17.26 -13.53
C GLY A 199 -12.23 17.54 -12.09
N THR A 200 -13.35 17.00 -11.67
CA THR A 200 -13.68 16.87 -10.22
C THR A 200 -12.91 15.66 -9.68
N THR A 201 -13.00 14.53 -10.42
CA THR A 201 -12.19 13.31 -10.17
C THR A 201 -11.47 13.00 -11.48
N ASN A 202 -10.14 12.97 -11.47
CA ASN A 202 -9.31 12.68 -12.65
C ASN A 202 -9.49 11.20 -13.11
N LEU A 203 -9.06 10.96 -14.33
CA LEU A 203 -9.13 9.60 -14.96
C LEU A 203 -8.41 8.56 -14.10
N HIS A 204 -9.07 7.46 -13.78
CA HIS A 204 -8.56 6.34 -12.96
C HIS A 204 -9.38 5.08 -13.21
N LEU A 205 -8.94 3.96 -12.62
CA LEU A 205 -9.77 2.74 -12.68
C LEU A 205 -9.77 2.07 -11.30
N ASP A 206 -10.77 1.22 -11.08
CA ASP A 206 -10.99 0.46 -9.82
C ASP A 206 -11.01 -1.02 -10.18
N VAL A 207 -10.46 -1.91 -9.35
CA VAL A 207 -10.48 -3.37 -9.67
C VAL A 207 -11.78 -4.06 -9.24
N SER A 208 -12.67 -3.37 -8.51
N SER A 208 -12.66 -3.37 -8.51
CA SER A 208 -14.05 -3.83 -8.20
CA SER A 208 -14.04 -3.82 -8.19
C SER A 208 -15.08 -3.04 -9.02
C SER A 208 -15.04 -3.10 -9.12
N ASP A 209 -16.25 -3.65 -9.22
CA ASP A 209 -17.42 -2.93 -9.78
C ASP A 209 -17.87 -1.84 -8.78
N ALA A 210 -18.64 -0.87 -9.24
CA ALA A 210 -19.21 0.17 -8.35
C ALA A 210 -20.55 0.65 -8.87
N VAL A 211 -21.43 1.05 -7.97
CA VAL A 211 -22.67 1.84 -8.26
C VAL A 211 -22.57 3.19 -7.59
N ASN A 212 -22.77 4.25 -8.33
CA ASN A 212 -22.61 5.66 -7.87
C ASN A 212 -23.96 6.35 -8.00
N VAL A 213 -24.58 6.76 -6.87
CA VAL A 213 -25.94 7.37 -6.86
C VAL A 213 -25.85 8.90 -6.61
N MET A 214 -26.53 9.70 -7.43
CA MET A 214 -26.62 11.19 -7.25
C MET A 214 -27.80 11.47 -6.31
N VAL A 215 -27.53 11.85 -5.05
CA VAL A 215 -28.60 11.95 -3.99
C VAL A 215 -29.01 13.43 -3.84
N TYR A 216 -28.24 14.40 -4.34
CA TYR A 216 -28.55 15.85 -4.22
C TYR A 216 -27.76 16.63 -5.26
N VAL A 217 -28.40 17.57 -5.94
CA VAL A 217 -27.78 18.54 -6.86
C VAL A 217 -28.18 19.97 -6.39
N GLY A 218 -27.16 20.76 -6.11
CA GLY A 218 -27.32 22.14 -5.62
C GLY A 218 -27.04 23.11 -6.73
N ILE A 219 -28.05 23.83 -7.17
CA ILE A 219 -27.88 24.90 -8.18
C ILE A 219 -27.69 26.22 -7.46
N PRO A 220 -26.50 26.87 -7.50
CA PRO A 220 -26.22 28.01 -6.62
C PRO A 220 -26.95 29.30 -6.99
N ILE A 221 -26.65 30.35 -6.21
CA ILE A 221 -27.27 31.73 -6.16
C ILE A 221 -26.18 32.74 -5.74
N GLY A 222 -26.34 34.00 -6.19
CA GLY A 222 -25.34 35.09 -6.10
C GLY A 222 -24.69 35.31 -7.45
N GLU A 223 -23.90 34.33 -7.87
CA GLU A 223 -23.37 34.13 -9.25
C GLU A 223 -24.25 33.07 -9.92
N GLY A 224 -25.58 33.21 -9.74
CA GLY A 224 -26.60 32.25 -10.20
C GLY A 224 -27.24 32.70 -11.51
N ALA A 225 -26.83 32.06 -12.61
CA ALA A 225 -27.25 32.32 -14.01
C ALA A 225 -26.25 31.64 -14.94
N HIS A 226 -25.38 30.82 -14.34
CA HIS A 226 -24.24 30.09 -14.97
C HIS A 226 -24.77 28.91 -15.78
N ASP A 227 -26.03 28.99 -16.24
CA ASP A 227 -26.81 27.91 -16.88
C ASP A 227 -26.29 27.65 -18.30
N GLU A 228 -25.80 28.68 -18.99
CA GLU A 228 -25.48 28.64 -20.44
C GLU A 228 -24.08 28.02 -20.66
N GLU A 229 -23.17 28.18 -19.71
CA GLU A 229 -21.82 27.53 -19.77
C GLU A 229 -21.98 26.03 -19.50
N VAL A 230 -22.99 25.63 -18.72
CA VAL A 230 -23.34 24.21 -18.44
C VAL A 230 -23.76 23.52 -19.75
N LEU A 231 -24.55 24.19 -20.59
CA LEU A 231 -25.01 23.63 -21.90
C LEU A 231 -23.82 23.42 -22.87
N LYS A 232 -22.92 24.40 -22.93
N LYS A 232 -22.93 24.41 -22.96
CA LYS A 232 -21.71 24.34 -23.79
CA LYS A 232 -21.71 24.32 -23.79
C LYS A 232 -20.79 23.21 -23.30
C LYS A 232 -20.86 23.14 -23.31
N THR A 233 -20.75 22.94 -22.00
CA THR A 233 -19.92 21.86 -21.39
C THR A 233 -20.47 20.48 -21.77
N ILE A 234 -21.78 20.30 -21.68
CA ILE A 234 -22.48 19.04 -22.07
C ILE A 234 -22.29 18.82 -23.58
N ASP A 235 -22.45 19.87 -24.37
CA ASP A 235 -22.35 19.78 -25.85
C ASP A 235 -20.92 19.42 -26.30
N GLU A 236 -19.93 20.14 -25.80
CA GLU A 236 -18.50 19.91 -26.11
C GLU A 236 -18.05 18.57 -25.50
N GLY A 237 -18.69 18.16 -24.40
CA GLY A 237 -18.45 16.85 -23.77
C GLY A 237 -18.92 15.67 -24.59
N ASP A 238 -19.65 15.90 -25.71
CA ASP A 238 -20.03 14.83 -26.68
C ASP A 238 -21.32 14.12 -26.22
N ALA A 239 -22.16 14.75 -25.39
CA ALA A 239 -23.44 14.16 -24.94
C ALA A 239 -24.38 13.95 -26.14
N ASP A 240 -25.16 12.86 -26.14
CA ASP A 240 -26.07 12.49 -27.26
C ASP A 240 -27.32 13.38 -27.23
N GLU A 241 -28.10 13.34 -28.32
CA GLU A 241 -29.29 14.23 -28.50
C GLU A 241 -30.39 13.83 -27.52
N VAL A 242 -30.55 12.54 -27.24
CA VAL A 242 -31.62 12.07 -26.30
C VAL A 242 -31.31 12.60 -24.88
N THR A 243 -30.03 12.61 -24.46
CA THR A 243 -29.58 13.14 -23.14
C THR A 243 -29.93 14.63 -23.07
N LYS A 244 -29.77 15.37 -24.17
CA LYS A 244 -30.08 16.83 -24.18
C LYS A 244 -31.59 17.09 -24.00
N GLU A 245 -32.44 16.16 -24.44
CA GLU A 245 -33.93 16.29 -24.27
C GLU A 245 -34.33 16.17 -22.78
N ARG A 246 -33.53 15.51 -21.91
CA ARG A 246 -33.87 15.39 -20.45
C ARG A 246 -33.91 16.78 -19.78
N ILE A 247 -33.05 17.70 -20.20
CA ILE A 247 -33.02 19.12 -19.70
C ILE A 247 -34.20 19.90 -20.32
N HIS A 248 -34.20 20.02 -21.65
CA HIS A 248 -35.05 20.98 -22.40
C HIS A 248 -36.52 20.57 -22.32
N ASP A 249 -36.84 19.27 -22.29
CA ASP A 249 -38.24 18.77 -22.36
C ASP A 249 -38.78 18.39 -20.96
N HIS A 250 -37.95 17.89 -20.02
CA HIS A 250 -38.42 17.32 -18.71
C HIS A 250 -37.93 18.12 -17.49
N LYS A 251 -37.04 19.10 -17.71
CA LYS A 251 -36.53 20.03 -16.66
C LYS A 251 -35.87 19.26 -15.49
N GLU A 252 -35.23 18.11 -15.75
CA GLU A 252 -34.43 17.38 -14.72
C GLU A 252 -33.15 18.18 -14.41
N LYS A 253 -32.62 17.99 -13.20
CA LYS A 253 -31.41 18.69 -12.70
C LYS A 253 -30.14 17.90 -13.02
N PRO A 254 -29.24 18.39 -13.92
CA PRO A 254 -28.00 17.66 -14.25
C PRO A 254 -26.94 17.92 -13.17
N GLY A 255 -26.32 16.85 -12.66
CA GLY A 255 -25.28 16.96 -11.64
C GLY A 255 -23.88 16.94 -12.22
N ALA A 256 -23.51 15.89 -13.00
CA ALA A 256 -22.10 15.66 -13.36
C ALA A 256 -21.99 15.02 -14.76
N LEU A 257 -20.93 15.40 -15.47
CA LEU A 257 -20.54 14.78 -16.80
C LEU A 257 -19.45 13.74 -16.54
N TRP A 258 -19.71 12.50 -16.94
CA TRP A 258 -18.74 11.37 -16.85
C TRP A 258 -18.23 11.04 -18.26
N HIS A 259 -16.99 10.58 -18.37
CA HIS A 259 -16.51 9.79 -19.54
C HIS A 259 -16.02 8.46 -19.01
N ILE A 260 -16.56 7.37 -19.56
CA ILE A 260 -16.18 6.01 -19.16
C ILE A 260 -15.65 5.30 -20.43
N TYR A 261 -14.59 4.53 -20.27
CA TYR A 261 -13.94 3.74 -21.35
C TYR A 261 -13.97 2.25 -20.99
N ALA A 262 -14.07 1.37 -22.01
CA ALA A 262 -14.05 -0.09 -21.79
C ALA A 262 -12.73 -0.52 -21.15
N ALA A 263 -12.76 -1.52 -20.27
CA ALA A 263 -11.57 -2.06 -19.61
C ALA A 263 -10.58 -2.52 -20.69
N LYS A 264 -11.07 -3.00 -21.83
CA LYS A 264 -10.16 -3.57 -22.88
C LYS A 264 -9.33 -2.44 -23.52
N ASP A 265 -9.71 -1.16 -23.37
CA ASP A 265 -9.02 -0.02 -24.00
C ASP A 265 -8.04 0.67 -23.04
N ALA A 266 -7.86 0.17 -21.81
CA ALA A 266 -7.02 0.84 -20.77
C ALA A 266 -5.56 1.00 -21.24
N GLU A 267 -4.97 -0.03 -21.89
CA GLU A 267 -3.54 0.09 -22.32
C GLU A 267 -3.40 1.14 -23.44
N LYS A 268 -4.30 1.21 -24.41
CA LYS A 268 -4.25 2.24 -25.46
C LYS A 268 -4.34 3.65 -24.86
N ILE A 269 -5.19 3.86 -23.85
CA ILE A 269 -5.24 5.15 -23.12
C ILE A 269 -3.86 5.41 -22.48
N ARG A 270 -3.25 4.41 -21.85
CA ARG A 270 -1.91 4.62 -21.22
C ARG A 270 -0.89 5.05 -22.31
N GLU A 271 -0.92 4.47 -23.50
CA GLU A 271 0.02 4.86 -24.61
C GLU A 271 -0.18 6.32 -24.99
N LEU A 272 -1.42 6.78 -25.15
CA LEU A 272 -1.71 8.22 -25.45
C LEU A 272 -1.12 9.10 -24.35
N LEU A 273 -1.37 8.78 -23.08
CA LEU A 273 -0.96 9.69 -21.98
C LEU A 273 0.57 9.67 -21.83
N ARG A 274 1.24 8.55 -22.12
CA ARG A 274 2.73 8.55 -22.14
C ARG A 274 3.26 9.47 -23.26
N LYS A 275 2.70 9.44 -24.45
CA LYS A 275 3.08 10.32 -25.58
C LYS A 275 2.85 11.79 -25.21
N VAL A 276 1.68 12.11 -24.67
CA VAL A 276 1.38 13.52 -24.27
C VAL A 276 2.33 13.95 -23.14
N GLY A 277 2.56 13.12 -22.12
CA GLY A 277 3.45 13.50 -21.01
C GLY A 277 4.81 13.87 -21.57
N GLU A 278 5.29 13.10 -22.53
CA GLU A 278 6.60 13.31 -23.19
C GLU A 278 6.56 14.65 -23.95
N GLU A 279 5.56 14.87 -24.81
CA GLU A 279 5.38 16.13 -25.58
C GLU A 279 5.42 17.34 -24.62
N GLN A 280 4.85 17.21 -23.43
CA GLN A 280 4.76 18.33 -22.44
C GLN A 280 6.01 18.38 -21.57
N GLY A 281 7.05 17.62 -21.90
CA GLY A 281 8.33 17.65 -21.17
C GLY A 281 8.24 17.05 -19.78
N GLN A 282 7.30 16.14 -19.50
CA GLN A 282 7.41 15.26 -18.30
C GLN A 282 8.56 14.28 -18.56
N GLU A 283 9.23 13.79 -17.52
CA GLU A 283 10.39 12.87 -17.67
C GLU A 283 10.06 11.57 -16.96
N ASN A 284 9.46 10.63 -17.70
CA ASN A 284 8.76 9.45 -17.16
C ASN A 284 9.40 8.20 -17.71
N PRO A 285 9.64 7.14 -16.89
CA PRO A 285 10.09 5.84 -17.40
C PRO A 285 9.06 5.22 -18.34
N PRO A 286 9.48 4.40 -19.33
CA PRO A 286 8.61 4.03 -20.47
C PRO A 286 7.40 3.16 -20.08
N ASP A 287 7.41 2.67 -18.83
CA ASP A 287 6.45 1.67 -18.28
C ASP A 287 5.56 2.32 -17.21
N HIS A 288 5.72 3.61 -16.88
CA HIS A 288 4.96 4.22 -15.75
C HIS A 288 3.48 4.25 -16.14
N ASP A 289 2.60 4.29 -15.15
CA ASP A 289 1.14 4.07 -15.35
C ASP A 289 0.41 5.39 -15.15
N PRO A 290 0.10 6.16 -16.21
CA PRO A 290 -0.60 7.45 -16.10
C PRO A 290 -2.04 7.32 -15.64
N ILE A 291 -2.66 6.14 -15.78
CA ILE A 291 -4.02 5.93 -15.20
C ILE A 291 -3.92 5.78 -13.67
N HIS A 292 -3.04 4.91 -13.15
CA HIS A 292 -2.91 4.69 -11.69
C HIS A 292 -2.51 6.00 -11.00
N ASP A 293 -1.70 6.81 -11.65
CA ASP A 293 -1.23 8.14 -11.14
C ASP A 293 -2.37 9.14 -10.88
N GLN A 294 -3.49 9.05 -11.64
CA GLN A 294 -4.73 9.81 -11.34
C GLN A 294 -4.43 11.30 -11.50
N SER A 295 -3.59 11.61 -12.47
CA SER A 295 -3.07 12.97 -12.72
C SER A 295 -3.67 13.60 -13.98
N TRP A 296 -4.41 12.88 -14.81
CA TRP A 296 -4.92 13.39 -16.10
C TRP A 296 -6.43 13.58 -16.11
N TYR A 297 -6.92 14.64 -16.77
CA TYR A 297 -8.35 14.77 -17.20
C TYR A 297 -8.36 14.85 -18.73
N LEU A 298 -9.11 13.98 -19.42
CA LEU A 298 -9.23 14.02 -20.90
C LEU A 298 -10.20 15.13 -21.29
N ASP A 299 -9.66 16.29 -21.73
CA ASP A 299 -10.46 17.42 -22.27
C ASP A 299 -10.86 17.14 -23.74
N GLN A 300 -11.60 18.05 -24.38
CA GLN A 300 -12.13 17.82 -25.75
C GLN A 300 -10.97 17.47 -26.70
N THR A 301 -9.84 18.15 -26.57
CA THR A 301 -8.64 17.92 -27.44
C THR A 301 -8.14 16.48 -27.25
N LEU A 302 -8.01 16.05 -25.98
CA LEU A 302 -7.45 14.69 -25.70
C LEU A 302 -8.46 13.61 -26.11
N ARG A 303 -9.77 13.84 -25.91
CA ARG A 303 -10.77 12.80 -26.29
C ARG A 303 -10.74 12.61 -27.80
N LYS A 304 -10.61 13.71 -28.55
CA LYS A 304 -10.58 13.61 -30.04
C LYS A 304 -9.32 12.87 -30.52
N ARG A 305 -8.17 13.17 -29.95
CA ARG A 305 -6.89 12.48 -30.22
C ARG A 305 -6.99 10.97 -29.90
N LEU A 306 -7.65 10.61 -28.81
CA LEU A 306 -7.85 9.19 -28.43
C LEU A 306 -8.62 8.47 -29.54
N TYR A 307 -9.68 9.08 -30.01
CA TYR A 307 -10.54 8.52 -31.08
C TYR A 307 -9.70 8.42 -32.39
N GLU A 308 -9.13 9.55 -32.83
CA GLU A 308 -8.51 9.66 -34.19
C GLU A 308 -7.23 8.80 -34.27
N GLU A 309 -6.34 8.89 -33.27
CA GLU A 309 -4.96 8.31 -33.28
C GLU A 309 -4.94 6.86 -32.79
N TYR A 310 -5.89 6.46 -31.92
CA TYR A 310 -5.87 5.13 -31.25
C TYR A 310 -7.16 4.37 -31.53
N GLY A 311 -8.19 4.94 -32.14
CA GLY A 311 -9.40 4.16 -32.48
C GLY A 311 -10.28 3.85 -31.28
N VAL A 312 -10.16 4.64 -30.20
CA VAL A 312 -10.91 4.35 -28.93
C VAL A 312 -12.09 5.34 -28.75
N GLN A 313 -13.28 4.77 -28.58
CA GLN A 313 -14.53 5.53 -28.30
C GLN A 313 -14.91 5.26 -26.83
N GLY A 314 -15.47 6.25 -26.17
CA GLY A 314 -16.03 6.04 -24.81
C GLY A 314 -17.51 6.34 -24.74
N TRP A 315 -18.02 6.39 -23.53
CA TRP A 315 -19.39 6.73 -23.22
C TRP A 315 -19.35 8.09 -22.48
N ALA A 316 -20.02 9.09 -23.01
CA ALA A 316 -20.26 10.40 -22.35
C ALA A 316 -21.62 10.35 -21.68
N ILE A 317 -21.66 10.43 -20.34
CA ILE A 317 -22.88 10.17 -19.51
C ILE A 317 -23.14 11.40 -18.64
N VAL A 318 -24.33 11.96 -18.74
CA VAL A 318 -24.76 13.04 -17.80
C VAL A 318 -25.59 12.38 -16.71
N GLN A 319 -25.10 12.48 -15.48
CA GLN A 319 -25.74 11.90 -14.28
C GLN A 319 -26.63 12.98 -13.67
N PHE A 320 -27.96 12.81 -13.76
CA PHE A 320 -28.98 13.73 -13.19
C PHE A 320 -29.27 13.33 -11.74
N LEU A 321 -29.98 14.21 -10.99
CA LEU A 321 -30.48 13.81 -9.65
C LEU A 321 -31.23 12.47 -9.71
N GLY A 322 -30.85 11.56 -8.85
CA GLY A 322 -31.41 10.21 -8.67
C GLY A 322 -30.92 9.21 -9.69
N ASP A 323 -30.00 9.57 -10.56
CA ASP A 323 -29.36 8.55 -11.47
C ASP A 323 -28.29 7.72 -10.74
N ALA A 324 -28.32 6.40 -10.93
CA ALA A 324 -27.30 5.44 -10.45
C ALA A 324 -26.43 5.04 -11.65
N VAL A 325 -25.15 5.37 -11.63
CA VAL A 325 -24.16 4.95 -12.69
C VAL A 325 -23.47 3.67 -12.21
N PHE A 326 -23.56 2.58 -12.98
CA PHE A 326 -22.85 1.30 -12.79
C PHE A 326 -21.55 1.34 -13.60
N ILE A 327 -20.41 1.24 -12.89
CA ILE A 327 -19.05 1.37 -13.51
C ILE A 327 -18.38 -0.01 -13.47
N PRO A 328 -18.12 -0.67 -14.62
CA PRO A 328 -17.52 -2.01 -14.62
C PRO A 328 -16.07 -2.00 -14.11
N ALA A 329 -15.70 -3.04 -13.36
CA ALA A 329 -14.30 -3.25 -12.91
C ALA A 329 -13.34 -3.12 -14.09
N GLY A 330 -12.23 -2.38 -13.88
CA GLY A 330 -11.19 -2.20 -14.89
C GLY A 330 -11.44 -1.07 -15.87
N ALA A 331 -12.65 -0.47 -15.88
CA ALA A 331 -13.01 0.56 -16.88
C ALA A 331 -12.47 1.91 -16.46
N PRO A 332 -11.56 2.53 -17.23
CA PRO A 332 -11.10 3.90 -16.91
C PRO A 332 -12.26 4.91 -16.89
N HIS A 333 -12.28 5.85 -15.94
CA HIS A 333 -13.40 6.84 -15.86
C HIS A 333 -12.97 8.12 -15.13
N GLN A 334 -13.65 9.22 -15.49
CA GLN A 334 -13.40 10.60 -15.00
C GLN A 334 -14.76 11.27 -14.81
N VAL A 335 -14.81 12.27 -13.89
CA VAL A 335 -16.08 12.94 -13.46
C VAL A 335 -15.81 14.46 -13.43
N HIS A 336 -16.73 15.25 -13.99
CA HIS A 336 -16.69 16.74 -14.07
C HIS A 336 -18.05 17.27 -13.54
N ASN A 337 -18.08 17.82 -12.33
CA ASN A 337 -19.35 18.34 -11.76
C ASN A 337 -19.79 19.60 -12.51
N LEU A 338 -21.06 19.63 -12.91
CA LEU A 338 -21.69 20.75 -13.62
C LEU A 338 -22.21 21.70 -12.53
N TYR A 339 -22.90 21.15 -11.56
CA TYR A 339 -23.38 21.88 -10.33
C TYR A 339 -22.81 21.21 -9.08
N SER A 340 -23.08 21.78 -7.89
CA SER A 340 -22.65 21.17 -6.61
C SER A 340 -23.34 19.82 -6.39
N CYS A 341 -22.58 18.76 -6.14
CA CYS A 341 -23.09 17.36 -6.07
C CYS A 341 -22.78 16.69 -4.76
N ILE A 342 -23.74 15.89 -4.27
CA ILE A 342 -23.57 14.84 -3.26
C ILE A 342 -23.81 13.50 -3.94
N LYS A 343 -22.79 12.66 -4.02
CA LYS A 343 -22.86 11.30 -4.60
C LYS A 343 -22.54 10.30 -3.49
N VAL A 344 -23.15 9.12 -3.53
CA VAL A 344 -22.80 8.02 -2.63
C VAL A 344 -22.61 6.77 -3.46
N ALA A 345 -21.48 6.11 -3.27
CA ALA A 345 -21.08 4.96 -4.09
C ALA A 345 -20.84 3.71 -3.24
N GLU A 346 -21.19 2.53 -3.76
CA GLU A 346 -20.90 1.23 -3.09
C GLU A 346 -20.11 0.34 -4.06
N ASP A 347 -19.03 -0.27 -3.58
CA ASP A 347 -18.27 -1.27 -4.40
C ASP A 347 -18.90 -2.66 -4.26
N PHE A 348 -18.73 -3.50 -5.29
CA PHE A 348 -19.22 -4.91 -5.29
C PHE A 348 -18.37 -5.71 -6.28
N VAL A 349 -18.45 -7.05 -6.21
CA VAL A 349 -17.66 -7.94 -7.09
C VAL A 349 -18.63 -8.89 -7.82
N SER A 350 -19.03 -8.52 -9.02
CA SER A 350 -19.91 -9.39 -9.85
C SER A 350 -19.15 -10.57 -10.43
N PRO A 351 -19.79 -11.74 -10.64
CA PRO A 351 -19.09 -12.86 -11.24
C PRO A 351 -18.59 -12.56 -12.67
N GLU A 352 -19.29 -11.68 -13.41
CA GLU A 352 -18.94 -11.30 -14.82
C GLU A 352 -17.53 -10.68 -14.84
N HIS A 353 -17.08 -10.01 -13.76
CA HIS A 353 -15.86 -9.15 -13.80
C HIS A 353 -14.81 -9.50 -12.73
N VAL A 354 -14.98 -10.64 -12.07
CA VAL A 354 -14.08 -11.07 -10.97
C VAL A 354 -12.64 -11.17 -11.48
N LYS A 355 -12.38 -11.51 -12.76
CA LYS A 355 -10.99 -11.56 -13.33
C LYS A 355 -10.20 -10.30 -13.02
N HIS A 356 -10.84 -9.13 -12.92
CA HIS A 356 -10.11 -7.85 -12.78
C HIS A 356 -9.47 -7.70 -11.40
N CYS A 357 -9.87 -8.47 -10.37
CA CYS A 357 -9.28 -8.34 -9.01
C CYS A 357 -8.40 -9.55 -8.65
N PHE A 358 -8.17 -10.49 -9.58
CA PHE A 358 -7.32 -11.69 -9.32
C PHE A 358 -5.83 -11.27 -9.26
N ARG A 359 -5.08 -11.79 -8.28
CA ARG A 359 -3.68 -11.38 -8.01
C ARG A 359 -2.65 -12.18 -8.83
N LEU A 360 -3.04 -13.16 -9.66
CA LEU A 360 -2.04 -13.88 -10.51
C LEU A 360 -2.33 -13.74 -12.00
N THR A 361 -1.38 -14.19 -12.82
CA THR A 361 -1.24 -14.07 -14.31
C THR A 361 -1.86 -12.76 -14.79
N MET B 23 47.27 -15.48 14.70
CA MET B 23 47.31 -16.01 13.31
C MET B 23 45.89 -16.41 12.88
N THR B 24 44.89 -16.27 13.74
CA THR B 24 43.45 -16.43 13.35
C THR B 24 43.22 -15.53 12.13
N SER B 25 42.68 -16.11 11.05
CA SER B 25 42.28 -15.36 9.82
C SER B 25 41.18 -14.35 10.13
N HIS B 26 41.45 -13.08 9.89
CA HIS B 26 40.51 -11.99 10.13
C HIS B 26 40.87 -10.74 9.34
N SER B 27 39.92 -9.82 9.26
CA SER B 27 40.07 -8.47 8.69
C SER B 27 39.07 -7.55 9.37
N TRP B 28 39.18 -6.25 9.11
CA TRP B 28 38.39 -5.18 9.74
C TRP B 28 37.66 -4.46 8.61
N LEU B 29 36.32 -4.39 8.68
CA LEU B 29 35.51 -3.60 7.71
C LEU B 29 34.88 -2.39 8.41
N CYS B 30 33.99 -1.64 7.72
CA CYS B 30 33.37 -0.43 8.31
C CYS B 30 34.52 0.49 8.79
N ASP B 31 35.54 0.67 7.93
CA ASP B 31 36.72 1.55 8.16
C ASP B 31 37.35 1.22 9.53
N GLY B 32 37.68 -0.05 9.78
CA GLY B 32 38.37 -0.54 11.00
C GLY B 32 37.49 -0.91 12.19
N ARG B 33 36.16 -0.70 12.17
CA ARG B 33 35.27 -0.80 13.37
C ARG B 33 34.45 -2.11 13.42
N LEU B 34 34.56 -2.99 12.39
CA LEU B 34 33.84 -4.32 12.37
C LEU B 34 34.82 -5.48 12.21
N LEU B 35 34.93 -6.37 13.22
CA LEU B 35 35.71 -7.62 13.10
C LEU B 35 35.01 -8.54 12.11
N CYS B 36 35.77 -9.09 11.17
CA CYS B 36 35.30 -10.14 10.23
C CYS B 36 36.22 -11.33 10.38
N LEU B 37 35.74 -12.43 10.98
CA LEU B 37 36.48 -13.71 11.10
C LEU B 37 36.21 -14.59 9.88
N HIS B 38 37.24 -15.19 9.26
CA HIS B 38 37.11 -15.85 7.93
C HIS B 38 37.07 -17.37 8.01
N ASP B 39 37.44 -17.99 9.12
CA ASP B 39 37.33 -19.47 9.24
C ASP B 39 36.32 -19.83 10.31
N PRO B 40 35.07 -20.23 9.92
CA PRO B 40 34.01 -20.46 10.91
C PRO B 40 34.28 -21.54 11.97
N SER B 41 35.18 -22.52 11.70
CA SER B 41 35.47 -23.65 12.61
C SER B 41 36.82 -23.46 13.33
N ASN B 42 37.47 -22.29 13.25
CA ASN B 42 38.73 -22.08 14.03
C ASN B 42 38.45 -21.98 15.53
N LYS B 43 39.00 -22.90 16.35
CA LYS B 43 38.79 -22.99 17.82
C LYS B 43 39.34 -21.75 18.55
N ASN B 44 40.18 -20.93 17.90
CA ASN B 44 40.73 -19.68 18.51
C ASN B 44 39.90 -18.43 18.16
N ASN B 45 38.78 -18.53 17.42
CA ASN B 45 37.94 -17.36 17.05
C ASN B 45 37.59 -16.51 18.27
N TRP B 46 37.35 -17.11 19.45
CA TRP B 46 36.93 -16.39 20.67
C TRP B 46 37.95 -15.30 21.07
N LYS B 47 39.23 -15.47 20.77
CA LYS B 47 40.28 -14.58 21.33
C LYS B 47 40.08 -13.13 20.95
N ILE B 48 39.92 -12.83 19.66
CA ILE B 48 39.73 -11.42 19.15
C ILE B 48 38.24 -11.01 19.27
N PHE B 49 37.34 -11.98 19.13
CA PHE B 49 35.89 -11.76 19.36
C PHE B 49 35.58 -11.10 20.70
N ARG B 50 36.21 -11.58 21.79
CA ARG B 50 35.87 -11.21 23.20
C ARG B 50 35.86 -9.69 23.40
N GLU B 51 36.92 -8.95 23.01
CA GLU B 51 36.99 -7.51 23.31
C GLU B 51 35.99 -6.72 22.45
N CYS B 52 35.76 -7.11 21.19
CA CYS B 52 34.74 -6.44 20.34
C CYS B 52 33.35 -6.61 21.00
N TRP B 53 33.07 -7.83 21.46
CA TRP B 53 31.75 -8.17 22.06
C TRP B 53 31.59 -7.47 23.40
N LYS B 54 32.67 -7.37 24.21
CA LYS B 54 32.60 -6.61 25.49
C LYS B 54 32.28 -5.13 25.25
N GLN B 55 32.81 -4.52 24.20
CA GLN B 55 32.61 -3.11 23.83
C GLN B 55 31.24 -2.89 23.15
N GLY B 56 30.43 -3.93 22.97
CA GLY B 56 29.04 -3.81 22.46
C GLY B 56 28.96 -3.75 20.93
N GLN B 57 29.97 -4.24 20.22
CA GLN B 57 30.05 -4.23 18.73
C GLN B 57 29.41 -5.48 18.17
N PRO B 58 28.72 -5.40 17.01
CA PRO B 58 28.47 -6.59 16.21
C PRO B 58 29.79 -7.15 15.67
N VAL B 59 29.75 -8.39 15.27
CA VAL B 59 30.86 -9.16 14.66
C VAL B 59 30.31 -9.95 13.48
N LEU B 60 31.12 -10.16 12.43
CA LEU B 60 30.73 -11.01 11.26
C LEU B 60 31.67 -12.20 11.14
N VAL B 61 31.15 -13.38 10.82
CA VAL B 61 31.93 -14.61 10.56
C VAL B 61 31.52 -15.06 9.16
N SER B 62 32.46 -15.17 8.22
CA SER B 62 32.13 -15.56 6.83
C SER B 62 32.35 -17.06 6.63
N GLY B 63 31.82 -17.62 5.56
CA GLY B 63 32.12 -19.01 5.12
C GLY B 63 31.24 -20.11 5.70
N VAL B 64 30.13 -19.78 6.41
CA VAL B 64 29.27 -20.82 7.04
C VAL B 64 28.60 -21.69 5.95
N HIS B 65 28.31 -21.14 4.78
CA HIS B 65 27.64 -21.86 3.64
C HIS B 65 28.47 -23.06 3.18
N LYS B 66 29.78 -22.94 3.28
CA LYS B 66 30.71 -24.03 2.90
C LYS B 66 30.61 -25.22 3.86
N LYS B 67 30.11 -25.01 5.08
CA LYS B 67 29.98 -26.08 6.10
C LYS B 67 28.60 -26.77 6.01
N LEU B 68 27.63 -26.20 5.28
CA LEU B 68 26.24 -26.71 5.25
C LEU B 68 26.08 -27.67 4.05
N LYS B 69 25.00 -28.46 4.06
CA LYS B 69 24.52 -29.23 2.88
C LYS B 69 23.63 -28.33 2.01
N SER B 70 24.18 -27.81 0.92
CA SER B 70 23.55 -26.72 0.11
C SER B 70 22.18 -27.15 -0.46
N GLU B 71 21.97 -28.45 -0.72
CA GLU B 71 20.70 -28.99 -1.30
C GLU B 71 19.55 -28.87 -0.28
N LEU B 72 19.83 -28.77 1.03
CA LEU B 72 18.78 -28.61 2.09
C LEU B 72 18.25 -27.16 2.10
N TRP B 73 18.95 -26.17 1.56
CA TRP B 73 18.62 -24.74 1.76
C TRP B 73 18.14 -24.05 0.47
N LYS B 74 17.57 -24.80 -0.48
CA LYS B 74 17.13 -24.28 -1.80
C LYS B 74 15.63 -23.96 -1.79
N PRO B 75 15.18 -22.83 -2.40
CA PRO B 75 13.76 -22.52 -2.47
C PRO B 75 12.91 -23.64 -3.09
N GLU B 76 13.41 -24.33 -4.12
CA GLU B 76 12.68 -25.43 -4.82
C GLU B 76 12.42 -26.57 -3.83
N ALA B 77 13.37 -26.87 -2.94
CA ALA B 77 13.20 -27.96 -1.94
C ALA B 77 12.12 -27.58 -0.91
N PHE B 78 12.07 -26.35 -0.40
CA PHE B 78 11.03 -25.94 0.59
C PHE B 78 9.65 -26.07 -0.09
N SER B 79 9.57 -25.69 -1.36
CA SER B 79 8.29 -25.72 -2.12
C SER B 79 7.81 -27.16 -2.32
N GLN B 80 8.67 -28.08 -2.79
CA GLN B 80 8.30 -29.51 -2.98
C GLN B 80 7.95 -30.18 -1.65
N GLU B 81 8.66 -29.91 -0.54
CA GLU B 81 8.44 -30.63 0.73
C GLU B 81 7.25 -30.06 1.52
N PHE B 82 6.96 -28.75 1.43
CA PHE B 82 6.06 -28.08 2.41
C PHE B 82 5.02 -27.18 1.70
N GLY B 83 4.90 -27.29 0.39
CA GLY B 83 4.23 -26.28 -0.46
C GLY B 83 2.69 -26.25 -0.32
N ASP B 84 2.06 -27.31 0.20
CA ASP B 84 0.56 -27.34 0.34
C ASP B 84 0.15 -26.85 1.73
N GLN B 85 1.08 -26.33 2.54
CA GLN B 85 0.73 -25.72 3.85
C GLN B 85 0.07 -24.34 3.62
N ASP B 86 -0.81 -23.94 4.51
CA ASP B 86 -1.47 -22.61 4.48
C ASP B 86 -0.66 -21.67 5.36
N VAL B 87 -0.51 -20.42 4.92
CA VAL B 87 0.39 -19.45 5.58
C VAL B 87 -0.11 -18.00 5.32
N ASP B 88 0.33 -17.05 6.14
CA ASP B 88 0.12 -15.60 5.88
C ASP B 88 1.41 -15.01 5.31
N LEU B 89 1.28 -14.05 4.40
CA LEU B 89 2.40 -13.22 3.89
C LEU B 89 2.18 -11.77 4.29
N VAL B 90 3.26 -10.98 4.30
CA VAL B 90 3.26 -9.51 4.54
C VAL B 90 3.80 -8.82 3.29
N ASN B 91 3.05 -7.84 2.80
CA ASN B 91 3.47 -6.90 1.74
C ASN B 91 4.42 -5.88 2.39
N CYS B 92 5.72 -5.92 2.06
CA CYS B 92 6.77 -5.07 2.69
C CYS B 92 6.55 -3.57 2.38
N ARG B 93 5.89 -3.22 1.28
CA ARG B 93 5.66 -1.79 0.88
C ARG B 93 4.59 -1.13 1.77
N ASN B 94 3.55 -1.84 2.23
CA ASN B 94 2.42 -1.20 2.94
C ASN B 94 2.08 -1.90 4.25
N CYS B 95 2.81 -2.97 4.63
CA CYS B 95 2.62 -3.80 5.85
C CYS B 95 1.28 -4.57 5.85
N ALA B 96 0.57 -4.66 4.72
CA ALA B 96 -0.71 -5.41 4.63
C ALA B 96 -0.45 -6.93 4.76
N ILE B 97 -1.37 -7.64 5.41
CA ILE B 97 -1.30 -9.12 5.57
C ILE B 97 -2.13 -9.75 4.46
N ILE B 98 -1.54 -10.67 3.72
CA ILE B 98 -2.19 -11.50 2.69
C ILE B 98 -2.45 -12.87 3.37
N SER B 99 -3.66 -13.09 3.87
CA SER B 99 -3.96 -14.23 4.78
C SER B 99 -4.30 -15.51 4.00
N ASP B 100 -3.82 -16.63 4.52
CA ASP B 100 -4.28 -17.98 4.16
C ASP B 100 -4.08 -18.27 2.67
N VAL B 101 -2.84 -18.15 2.19
CA VAL B 101 -2.43 -18.64 0.86
C VAL B 101 -1.51 -19.85 1.03
N LYS B 102 -1.10 -20.46 -0.06
CA LYS B 102 -0.24 -21.68 -0.04
C LYS B 102 1.23 -21.24 -0.01
N VAL B 103 2.02 -21.91 0.85
CA VAL B 103 3.51 -21.76 0.97
C VAL B 103 4.11 -21.84 -0.44
N ARG B 104 3.65 -22.71 -1.35
CA ARG B 104 4.24 -22.76 -2.74
C ARG B 104 4.03 -21.45 -3.53
N ASP B 105 3.00 -20.66 -3.20
CA ASP B 105 2.79 -19.38 -3.94
C ASP B 105 3.84 -18.35 -3.47
N PHE B 106 4.41 -18.45 -2.27
CA PHE B 106 5.58 -17.62 -1.89
C PHE B 106 6.81 -18.15 -2.64
N TRP B 107 7.15 -19.43 -2.46
CA TRP B 107 8.44 -19.98 -2.95
C TRP B 107 8.53 -19.92 -4.49
N ASP B 108 7.42 -20.09 -5.22
CA ASP B 108 7.51 -20.23 -6.70
C ASP B 108 7.80 -18.86 -7.35
N GLY B 109 7.58 -17.74 -6.65
CA GLY B 109 7.98 -16.40 -7.10
C GLY B 109 9.29 -15.88 -6.48
N PHE B 110 10.01 -16.70 -5.72
CA PHE B 110 11.22 -16.25 -4.99
C PHE B 110 12.23 -15.59 -5.95
N GLU B 111 12.42 -16.19 -7.12
CA GLU B 111 13.41 -15.71 -8.13
C GLU B 111 12.78 -15.48 -9.50
N ILE B 112 11.52 -15.86 -9.74
CA ILE B 112 10.75 -15.57 -10.99
C ILE B 112 9.69 -14.48 -10.71
N ILE B 113 9.95 -13.26 -11.11
CA ILE B 113 9.15 -12.07 -10.71
C ILE B 113 7.73 -12.17 -11.32
N CYS B 114 7.62 -12.73 -12.52
CA CYS B 114 6.31 -12.82 -13.23
C CYS B 114 5.37 -13.79 -12.49
N LYS B 115 5.87 -14.68 -11.61
CA LYS B 115 5.03 -15.66 -10.86
C LYS B 115 4.52 -15.09 -9.53
N ARG B 116 4.92 -13.88 -9.16
CA ARG B 116 4.56 -13.31 -7.85
C ARG B 116 3.10 -12.87 -7.79
N LEU B 117 2.50 -12.97 -6.58
CA LEU B 117 1.19 -12.34 -6.27
C LEU B 117 1.31 -10.83 -6.50
N ARG B 118 0.28 -10.22 -7.09
CA ARG B 118 0.25 -8.77 -7.44
C ARG B 118 -0.63 -7.96 -6.49
N SER B 119 -0.33 -6.66 -6.39
CA SER B 119 -1.12 -5.66 -5.64
C SER B 119 -2.21 -5.07 -6.59
N GLU B 120 -3.03 -4.22 -6.05
CA GLU B 120 -4.18 -3.51 -6.73
C GLU B 120 -3.67 -2.78 -7.98
N ASP B 121 -2.42 -2.31 -7.98
CA ASP B 121 -1.81 -1.55 -9.11
C ASP B 121 -1.31 -2.48 -10.21
N GLY B 122 -1.54 -3.80 -10.14
CA GLY B 122 -0.99 -4.77 -11.10
C GLY B 122 0.52 -5.04 -10.98
N GLN B 123 1.22 -4.48 -9.99
CA GLN B 123 2.68 -4.72 -9.83
C GLN B 123 2.91 -5.99 -9.02
N PRO B 124 4.00 -6.74 -9.30
CA PRO B 124 4.43 -7.85 -8.43
C PRO B 124 4.80 -7.32 -7.04
N MET B 125 4.33 -7.98 -5.98
CA MET B 125 4.58 -7.54 -4.58
C MET B 125 5.97 -8.03 -4.12
N VAL B 126 6.54 -7.24 -3.22
CA VAL B 126 7.71 -7.66 -2.40
C VAL B 126 7.13 -8.22 -1.11
N LEU B 127 7.26 -9.54 -0.93
CA LEU B 127 6.59 -10.30 0.13
C LEU B 127 7.61 -10.88 1.13
N LYS B 128 7.20 -10.97 2.39
CA LYS B 128 7.87 -11.79 3.45
C LYS B 128 6.93 -12.88 3.95
N LEU B 129 7.47 -14.05 4.18
CA LEU B 129 6.71 -15.18 4.75
C LEU B 129 6.61 -14.94 6.24
N LYS B 130 5.40 -14.83 6.79
CA LYS B 130 5.21 -14.56 8.23
C LYS B 130 5.25 -15.87 9.03
N ASP B 131 6.01 -15.89 10.12
CA ASP B 131 5.92 -16.93 11.20
C ASP B 131 5.95 -18.34 10.60
N TRP B 132 6.99 -18.69 9.85
CA TRP B 132 7.13 -20.01 9.22
C TRP B 132 8.56 -20.54 9.31
N PRO B 133 8.79 -21.79 9.74
CA PRO B 133 7.81 -22.59 10.46
C PRO B 133 7.22 -21.87 11.67
N PRO B 134 5.93 -22.12 11.99
CA PRO B 134 5.22 -21.41 13.04
C PRO B 134 5.75 -21.72 14.45
N GLY B 135 5.78 -20.68 15.29
CA GLY B 135 6.16 -20.78 16.71
C GLY B 135 7.51 -21.44 16.84
N GLU B 136 7.57 -22.61 17.49
CA GLU B 136 8.81 -23.40 17.75
C GLU B 136 8.73 -24.74 17.00
N ASP B 137 8.05 -24.79 15.85
CA ASP B 137 7.90 -26.05 15.08
C ASP B 137 9.14 -26.37 14.21
N PHE B 138 10.14 -25.47 14.17
CA PHE B 138 11.31 -25.61 13.27
C PHE B 138 11.96 -26.98 13.49
N ARG B 139 12.25 -27.34 14.73
CA ARG B 139 12.90 -28.64 15.04
C ARG B 139 12.01 -29.81 14.58
N ASP B 140 10.71 -29.79 14.87
CA ASP B 140 9.79 -30.92 14.51
C ASP B 140 9.52 -30.92 13.01
N MET B 141 9.33 -29.76 12.38
CA MET B 141 8.92 -29.75 10.96
C MET B 141 10.13 -30.08 10.09
N MET B 142 11.34 -29.64 10.49
CA MET B 142 12.55 -29.67 9.64
C MET B 142 13.74 -30.23 10.44
N PRO B 143 13.68 -31.50 10.92
CA PRO B 143 14.78 -32.05 11.74
C PRO B 143 16.19 -32.10 11.11
N THR B 144 16.30 -32.43 9.82
CA THR B 144 17.61 -32.53 9.10
C THR B 144 18.23 -31.13 8.93
N ARG B 145 17.41 -30.11 8.63
CA ARG B 145 17.84 -28.68 8.57
C ARG B 145 18.29 -28.18 9.95
N PHE B 146 17.56 -28.50 11.01
CA PHE B 146 17.93 -28.17 12.41
C PHE B 146 19.33 -28.72 12.70
N GLU B 147 19.56 -30.00 12.41
CA GLU B 147 20.87 -30.67 12.70
C GLU B 147 21.97 -29.99 11.87
N ASP B 148 21.71 -29.68 10.60
CA ASP B 148 22.71 -29.10 9.65
C ASP B 148 23.14 -27.72 10.17
N LEU B 149 22.17 -26.88 10.56
CA LEU B 149 22.49 -25.54 11.13
C LEU B 149 23.20 -25.62 12.50
N MET B 150 22.66 -26.34 13.50
CA MET B 150 23.19 -26.29 14.89
C MET B 150 24.61 -26.88 14.94
N GLU B 151 24.91 -27.91 14.13
CA GLU B 151 26.25 -28.53 14.14
C GLU B 151 27.26 -27.55 13.56
N ASN B 152 26.84 -26.51 12.81
CA ASN B 152 27.78 -25.70 12.01
C ASN B 152 27.77 -24.23 12.41
N LEU B 153 27.10 -23.85 13.50
CA LEU B 153 27.05 -22.45 14.02
C LEU B 153 28.46 -22.07 14.46
N PRO B 154 28.95 -20.88 14.07
CA PRO B 154 30.24 -20.40 14.56
C PRO B 154 30.16 -19.97 16.03
N LEU B 155 31.32 -19.82 16.66
CA LEU B 155 31.45 -19.52 18.13
C LEU B 155 30.53 -20.45 18.92
N PRO B 156 30.66 -21.78 18.74
CA PRO B 156 29.73 -22.73 19.36
C PRO B 156 29.71 -22.73 20.90
N GLU B 157 30.81 -22.34 21.58
CA GLU B 157 30.78 -22.27 23.07
C GLU B 157 29.75 -21.22 23.47
N TYR B 158 29.48 -20.23 22.59
CA TYR B 158 28.53 -19.12 22.84
C TYR B 158 27.14 -19.48 22.31
N THR B 159 27.05 -20.13 21.16
CA THR B 159 25.80 -20.17 20.35
C THR B 159 25.00 -21.49 20.52
N LYS B 160 25.65 -22.61 20.83
CA LYS B 160 24.91 -23.91 20.98
C LYS B 160 24.28 -24.02 22.39
N ARG B 161 23.18 -24.79 22.53
N ARG B 161 23.19 -24.80 22.50
CA ARG B 161 22.45 -24.90 23.83
CA ARG B 161 22.42 -24.96 23.77
C ARG B 161 23.38 -25.37 24.95
C ARG B 161 23.33 -25.41 24.93
N ASP B 162 24.22 -26.37 24.70
CA ASP B 162 25.13 -26.89 25.75
C ASP B 162 26.52 -26.22 25.63
N GLY B 163 26.66 -25.09 24.92
CA GLY B 163 27.92 -24.32 24.89
C GLY B 163 28.42 -23.94 26.30
N ARG B 164 29.71 -24.03 26.55
CA ARG B 164 30.32 -23.69 27.87
C ARG B 164 29.92 -22.28 28.34
N LEU B 165 29.79 -21.31 27.43
CA LEU B 165 29.54 -19.88 27.79
C LEU B 165 28.14 -19.46 27.36
N ASN B 166 27.27 -20.36 26.95
CA ASN B 166 25.84 -20.01 26.72
C ASN B 166 25.08 -20.20 28.05
N LEU B 167 24.49 -19.14 28.58
CA LEU B 167 23.80 -19.16 29.90
C LEU B 167 22.28 -19.41 29.77
N ALA B 168 21.75 -19.44 28.54
CA ALA B 168 20.28 -19.45 28.30
C ALA B 168 19.60 -20.64 28.98
N SER B 169 20.18 -21.86 28.95
CA SER B 169 19.48 -23.04 29.56
C SER B 169 19.57 -23.04 31.08
N ARG B 170 20.47 -22.25 31.69
CA ARG B 170 20.72 -22.24 33.15
C ARG B 170 19.98 -21.13 33.89
N LEU B 171 19.68 -20.01 33.23
CA LEU B 171 19.13 -18.82 33.96
C LEU B 171 17.62 -18.86 34.08
N PRO B 172 17.10 -18.27 35.18
CA PRO B 172 15.65 -18.07 35.33
C PRO B 172 14.99 -17.13 34.32
N SER B 173 13.65 -17.11 34.31
CA SER B 173 12.85 -16.43 33.25
C SER B 173 12.99 -14.91 33.32
N TYR B 174 13.49 -14.33 34.42
CA TYR B 174 13.73 -12.87 34.57
C TYR B 174 15.01 -12.44 33.79
N PHE B 175 15.75 -13.40 33.21
CA PHE B 175 16.89 -13.14 32.29
C PHE B 175 16.53 -13.48 30.85
N VAL B 176 15.75 -14.54 30.59
CA VAL B 176 15.67 -15.15 29.22
C VAL B 176 14.43 -16.04 29.12
N ARG B 177 13.79 -16.01 27.96
CA ARG B 177 12.67 -16.92 27.65
C ARG B 177 13.19 -18.36 27.63
N PRO B 178 12.39 -19.35 28.10
CA PRO B 178 12.84 -20.75 28.08
C PRO B 178 12.84 -21.40 26.69
N ASP B 179 13.63 -22.48 26.56
CA ASP B 179 13.63 -23.40 25.39
C ASP B 179 13.82 -22.59 24.08
N LEU B 180 14.96 -21.92 23.91
CA LEU B 180 15.25 -21.12 22.68
C LEU B 180 15.43 -22.15 21.54
N GLY B 181 14.91 -21.86 20.34
CA GLY B 181 15.15 -22.65 19.11
C GLY B 181 15.29 -21.70 17.93
N PRO B 182 15.82 -22.17 16.78
CA PRO B 182 16.07 -21.31 15.63
C PRO B 182 14.78 -20.81 14.97
N LYS B 183 14.89 -19.66 14.30
CA LYS B 183 13.77 -19.00 13.55
C LYS B 183 14.29 -18.72 12.13
N MET B 184 13.44 -18.95 11.14
CA MET B 184 13.74 -18.78 9.70
C MET B 184 13.14 -17.46 9.24
N TYR B 185 13.86 -16.62 8.49
CA TYR B 185 13.41 -15.32 7.93
C TYR B 185 13.54 -15.36 6.40
N ASN B 186 12.39 -15.34 5.70
CA ASN B 186 12.30 -15.60 4.25
C ASN B 186 11.56 -14.44 3.59
N ALA B 187 12.19 -13.67 2.70
CA ALA B 187 11.54 -12.51 2.07
C ALA B 187 12.17 -12.21 0.72
N TYR B 188 11.39 -11.62 -0.21
CA TYR B 188 11.90 -11.20 -1.53
C TYR B 188 12.85 -9.99 -1.36
N GLY B 189 13.61 -9.66 -2.42
CA GLY B 189 14.42 -8.42 -2.46
C GLY B 189 13.59 -7.20 -2.77
N LEU B 190 13.92 -6.05 -2.19
CA LEU B 190 13.38 -4.72 -2.54
C LEU B 190 14.01 -4.29 -3.89
N ILE B 191 13.28 -3.55 -4.74
CA ILE B 191 13.56 -3.47 -6.22
C ILE B 191 13.71 -2.00 -6.70
N THR B 192 12.74 -1.14 -6.35
CA THR B 192 12.55 0.20 -6.98
C THR B 192 13.33 1.27 -6.21
N ALA B 193 13.47 2.46 -6.81
CA ALA B 193 14.04 3.65 -6.13
C ALA B 193 13.19 4.04 -4.91
N GLU B 194 11.86 3.94 -5.00
CA GLU B 194 10.98 4.22 -3.84
C GLU B 194 11.21 3.13 -2.76
N ASP B 195 11.58 1.91 -3.17
CA ASP B 195 11.85 0.78 -2.23
C ASP B 195 13.10 1.06 -1.38
N ARG B 196 13.97 1.99 -1.79
CA ARG B 196 15.22 2.27 -1.03
C ARG B 196 14.91 2.69 0.41
N ARG B 197 13.77 3.34 0.65
CA ARG B 197 13.35 3.89 1.95
C ARG B 197 12.50 2.90 2.77
N VAL B 198 12.35 1.65 2.32
CA VAL B 198 11.49 0.59 2.95
C VAL B 198 12.45 -0.43 3.61
N GLY B 199 12.05 -0.97 4.75
CA GLY B 199 12.74 -2.10 5.43
C GLY B 199 12.09 -3.43 5.09
N THR B 200 12.87 -4.49 4.95
CA THR B 200 12.40 -5.89 5.11
C THR B 200 11.95 -6.09 6.58
N THR B 201 12.81 -5.69 7.52
CA THR B 201 12.52 -5.72 8.98
C THR B 201 12.78 -4.33 9.52
N ASN B 202 11.77 -3.65 10.09
CA ASN B 202 11.92 -2.26 10.56
C ASN B 202 12.82 -2.24 11.80
N LEU B 203 13.30 -1.06 12.15
CA LEU B 203 14.17 -0.80 13.32
C LEU B 203 13.51 -1.37 14.59
N HIS B 204 14.24 -2.22 15.34
CA HIS B 204 13.72 -2.85 16.57
C HIS B 204 14.91 -3.26 17.44
N LEU B 205 14.66 -3.71 18.67
CA LEU B 205 15.73 -4.40 19.46
C LEU B 205 15.22 -5.75 19.96
N ASP B 206 16.16 -6.65 20.29
CA ASP B 206 15.87 -8.00 20.86
C ASP B 206 16.43 -8.04 22.28
N VAL B 207 15.79 -8.82 23.18
CA VAL B 207 16.09 -8.84 24.63
C VAL B 207 17.21 -9.85 24.92
N SER B 208 17.65 -10.65 23.94
CA SER B 208 18.78 -11.60 24.11
C SER B 208 19.84 -11.29 23.06
N ASP B 209 21.00 -11.91 23.18
CA ASP B 209 22.01 -11.96 22.09
C ASP B 209 21.46 -12.84 20.95
N ALA B 210 21.92 -12.65 19.71
CA ALA B 210 21.52 -13.47 18.55
C ALA B 210 22.65 -13.58 17.53
N VAL B 211 22.62 -14.68 16.77
CA VAL B 211 23.42 -14.85 15.53
C VAL B 211 22.46 -15.09 14.37
N ASN B 212 22.65 -14.40 13.25
CA ASN B 212 21.79 -14.52 12.04
C ASN B 212 22.66 -15.01 10.88
N VAL B 213 22.35 -16.17 10.30
CA VAL B 213 23.13 -16.77 9.17
C VAL B 213 22.37 -16.68 7.83
N MET B 214 23.02 -16.11 6.84
CA MET B 214 22.52 -16.08 5.43
C MET B 214 22.76 -17.44 4.79
N VAL B 215 21.70 -18.26 4.56
CA VAL B 215 21.91 -19.63 4.00
C VAL B 215 21.60 -19.71 2.50
N TYR B 216 20.92 -18.74 1.90
CA TYR B 216 20.61 -18.76 0.44
C TYR B 216 20.34 -17.35 -0.03
N VAL B 217 20.88 -17.00 -1.21
CA VAL B 217 20.59 -15.70 -1.85
C VAL B 217 20.14 -15.99 -3.30
N GLY B 218 18.93 -15.52 -3.65
CA GLY B 218 18.32 -15.78 -4.96
C GLY B 218 18.35 -14.50 -5.79
N ILE B 219 19.09 -14.53 -6.88
CA ILE B 219 19.21 -13.39 -7.81
C ILE B 219 18.33 -13.68 -9.04
N PRO B 220 17.21 -12.94 -9.27
CA PRO B 220 16.43 -13.07 -10.51
C PRO B 220 17.20 -12.54 -11.73
N ILE B 221 16.91 -13.03 -12.96
CA ILE B 221 17.47 -12.47 -14.23
C ILE B 221 16.40 -11.61 -14.95
N ALA B 225 19.92 -8.00 -15.63
CA ALA B 225 20.72 -7.51 -14.48
C ALA B 225 20.30 -6.09 -14.11
N HIS B 226 19.36 -5.97 -13.16
CA HIS B 226 18.92 -4.69 -12.52
C HIS B 226 19.76 -4.50 -11.24
N ASP B 227 21.06 -4.81 -11.33
CA ASP B 227 22.10 -4.54 -10.30
C ASP B 227 22.29 -3.04 -10.11
N GLU B 228 21.62 -2.21 -10.93
CA GLU B 228 21.78 -0.73 -10.96
C GLU B 228 21.34 -0.14 -9.62
N GLU B 229 20.09 -0.40 -9.26
CA GLU B 229 19.43 0.14 -8.04
C GLU B 229 20.12 -0.45 -6.80
N VAL B 230 20.61 -1.69 -6.89
CA VAL B 230 21.33 -2.40 -5.80
C VAL B 230 22.63 -1.65 -5.50
N LEU B 231 23.46 -1.33 -6.50
CA LEU B 231 24.75 -0.61 -6.28
C LEU B 231 24.48 0.79 -5.70
N LYS B 232 23.42 1.46 -6.12
CA LYS B 232 23.08 2.80 -5.57
C LYS B 232 22.63 2.64 -4.10
N THR B 233 21.88 1.57 -3.79
CA THR B 233 21.32 1.33 -2.43
C THR B 233 22.46 1.10 -1.43
N ILE B 234 23.46 0.32 -1.88
CA ILE B 234 24.72 -0.01 -1.13
C ILE B 234 25.44 1.31 -0.83
N ASP B 235 25.52 2.19 -1.84
CA ASP B 235 26.38 3.41 -1.73
C ASP B 235 25.71 4.42 -0.79
N GLU B 236 24.45 4.76 -1.07
CA GLU B 236 23.57 5.62 -0.25
C GLU B 236 23.45 5.02 1.17
N GLY B 237 23.48 3.67 1.27
CA GLY B 237 23.46 2.90 2.54
C GLY B 237 24.68 3.16 3.42
N ASP B 238 25.77 3.71 2.84
CA ASP B 238 27.00 4.15 3.58
C ASP B 238 27.91 2.95 3.79
N ALA B 239 27.83 1.92 2.95
CA ALA B 239 28.78 0.78 2.99
C ALA B 239 30.18 1.30 2.69
N ASP B 240 31.20 0.59 3.17
CA ASP B 240 32.62 1.03 3.05
C ASP B 240 33.16 0.64 1.67
N GLU B 241 34.33 1.15 1.28
CA GLU B 241 34.83 1.02 -0.11
C GLU B 241 35.27 -0.40 -0.40
N VAL B 242 35.85 -1.11 0.56
CA VAL B 242 36.26 -2.53 0.36
C VAL B 242 35.03 -3.33 -0.08
N THR B 243 33.90 -3.14 0.62
CA THR B 243 32.59 -3.81 0.38
C THR B 243 32.08 -3.44 -1.03
N LYS B 244 32.01 -2.14 -1.37
CA LYS B 244 31.50 -1.64 -2.69
C LYS B 244 32.31 -2.20 -3.86
N GLU B 245 33.65 -2.12 -3.75
CA GLU B 245 34.60 -2.58 -4.80
C GLU B 245 34.60 -4.12 -4.81
N ARG B 246 34.30 -4.73 -3.66
CA ARG B 246 34.30 -6.20 -3.48
C ARG B 246 33.22 -6.86 -4.35
N ILE B 247 32.06 -6.22 -4.51
CA ILE B 247 30.94 -6.76 -5.33
C ILE B 247 31.24 -6.48 -6.81
N HIS B 248 32.55 -6.44 -7.14
CA HIS B 248 33.11 -6.39 -8.53
C HIS B 248 34.39 -7.23 -8.58
N ASP B 249 35.35 -6.93 -7.70
CA ASP B 249 36.67 -7.62 -7.58
C ASP B 249 36.46 -9.14 -7.61
N HIS B 250 35.79 -9.68 -6.59
CA HIS B 250 35.28 -11.08 -6.55
C HIS B 250 33.90 -11.09 -7.23
N LYS B 251 33.09 -12.12 -6.97
CA LYS B 251 31.69 -12.19 -7.46
C LYS B 251 30.84 -12.98 -6.45
N GLU B 252 30.80 -12.52 -5.20
CA GLU B 252 29.94 -13.08 -4.13
C GLU B 252 28.51 -12.58 -4.35
N LYS B 253 27.54 -13.21 -3.69
CA LYS B 253 26.11 -12.84 -3.73
C LYS B 253 25.79 -12.01 -2.49
N PRO B 254 25.65 -10.67 -2.63
CA PRO B 254 25.19 -9.82 -1.52
C PRO B 254 23.69 -10.05 -1.27
N GLY B 255 23.30 -10.33 -0.02
CA GLY B 255 21.89 -10.67 0.30
C GLY B 255 21.14 -9.50 0.94
N ALA B 256 21.71 -8.85 1.95
CA ALA B 256 20.94 -7.85 2.71
C ALA B 256 21.83 -6.74 3.26
N LEU B 257 21.28 -5.54 3.36
CA LEU B 257 21.93 -4.37 3.98
C LEU B 257 21.35 -4.17 5.36
N TRP B 258 22.21 -4.25 6.38
CA TRP B 258 21.86 -3.99 7.79
C TRP B 258 22.34 -2.59 8.20
N HIS B 259 21.65 -1.95 9.13
CA HIS B 259 22.19 -0.87 9.99
C HIS B 259 21.98 -1.29 11.45
N ILE B 260 23.08 -1.34 12.22
CA ILE B 260 23.08 -1.74 13.64
C ILE B 260 23.66 -0.59 14.46
N TYR B 261 23.03 -0.30 15.59
CA TYR B 261 23.42 0.75 16.56
C TYR B 261 23.80 0.09 17.89
N ALA B 262 24.72 0.75 18.62
CA ALA B 262 25.11 0.33 19.98
C ALA B 262 23.91 0.37 20.94
N ALA B 263 23.79 -0.59 21.86
CA ALA B 263 22.73 -0.64 22.91
C ALA B 263 22.71 0.68 23.71
N LYS B 264 23.87 1.27 23.97
CA LYS B 264 23.97 2.55 24.73
C LYS B 264 23.36 3.74 23.97
N ASP B 265 23.14 3.65 22.65
CA ASP B 265 22.60 4.76 21.80
C ASP B 265 21.09 4.63 21.57
N ALA B 266 20.39 3.68 22.19
CA ALA B 266 18.96 3.43 21.91
C ALA B 266 18.13 4.67 22.31
N GLU B 267 18.43 5.29 23.46
CA GLU B 267 17.54 6.37 24.01
C GLU B 267 17.70 7.61 23.14
N LYS B 268 18.91 7.87 22.63
CA LYS B 268 19.13 8.99 21.66
C LYS B 268 18.32 8.72 20.40
N ILE B 269 18.24 7.46 19.93
CA ILE B 269 17.44 7.12 18.73
C ILE B 269 15.96 7.36 19.07
N ARG B 270 15.50 7.01 20.28
CA ARG B 270 14.07 7.25 20.67
C ARG B 270 13.79 8.77 20.68
N GLU B 271 14.71 9.57 21.22
CA GLU B 271 14.55 11.05 21.23
C GLU B 271 14.28 11.54 19.81
N LEU B 272 15.13 11.16 18.84
CA LEU B 272 15.03 11.63 17.44
C LEU B 272 13.65 11.27 16.89
N LEU B 273 13.24 10.02 17.02
CA LEU B 273 11.99 9.51 16.39
C LEU B 273 10.75 10.04 17.11
N ARG B 274 10.84 10.42 18.38
CA ARG B 274 9.75 11.16 19.08
C ARG B 274 9.59 12.52 18.36
N LYS B 275 10.69 13.25 18.15
CA LYS B 275 10.66 14.56 17.46
C LYS B 275 10.03 14.40 16.08
N VAL B 276 10.65 13.60 15.20
CA VAL B 276 10.23 13.43 13.77
C VAL B 276 8.76 13.01 13.72
N GLY B 277 8.31 12.16 14.64
CA GLY B 277 6.91 11.69 14.70
C GLY B 277 5.95 12.83 14.99
N GLU B 278 6.39 13.79 15.81
CA GLU B 278 5.62 15.01 16.20
C GLU B 278 5.51 15.90 14.96
N GLU B 279 6.63 16.08 14.24
CA GLU B 279 6.73 16.85 12.97
C GLU B 279 5.86 16.24 11.86
N GLN B 280 5.53 14.95 11.93
CA GLN B 280 4.76 14.25 10.87
C GLN B 280 3.28 14.09 11.27
N GLY B 281 2.85 14.69 12.38
CA GLY B 281 1.42 14.68 12.77
C GLY B 281 1.18 13.88 14.04
N GLN B 282 1.72 12.65 14.11
CA GLN B 282 1.52 11.69 15.23
C GLN B 282 1.30 12.42 16.57
N GLU B 283 0.27 11.99 17.32
CA GLU B 283 0.01 12.41 18.73
C GLU B 283 0.37 11.24 19.65
N ASN B 284 1.57 11.29 20.24
CA ASN B 284 2.16 10.22 21.09
C ASN B 284 2.47 10.85 22.46
N PRO B 285 2.33 10.11 23.59
CA PRO B 285 2.83 10.60 24.88
C PRO B 285 4.36 10.76 24.90
N PRO B 286 4.94 11.55 25.84
CA PRO B 286 6.40 11.74 25.87
C PRO B 286 7.15 10.46 26.28
N ASP B 287 6.39 9.48 26.80
CA ASP B 287 6.81 8.12 27.25
C ASP B 287 7.06 7.20 26.05
N HIS B 288 6.36 7.46 24.96
CA HIS B 288 6.20 6.56 23.79
C HIS B 288 7.55 6.00 23.34
N ASP B 289 7.56 4.70 22.96
CA ASP B 289 8.81 3.97 22.59
C ASP B 289 8.75 3.62 21.11
N PRO B 290 9.31 4.47 20.23
CA PRO B 290 9.26 4.19 18.80
C PRO B 290 10.11 2.99 18.34
N ILE B 291 11.05 2.52 19.15
CA ILE B 291 11.84 1.29 18.85
C ILE B 291 10.93 0.09 19.11
N HIS B 292 10.22 0.10 20.25
CA HIS B 292 9.25 -0.96 20.64
C HIS B 292 8.13 -1.05 19.57
N ASP B 293 7.73 0.10 18.99
CA ASP B 293 6.64 0.15 17.99
C ASP B 293 7.00 -0.59 16.70
N GLN B 294 8.29 -0.74 16.38
CA GLN B 294 8.78 -1.44 15.15
C GLN B 294 8.12 -0.80 13.90
N SER B 295 7.90 0.51 13.90
CA SER B 295 7.16 1.24 12.84
C SER B 295 8.10 2.07 11.94
N TRP B 296 9.41 2.14 12.20
CA TRP B 296 10.36 3.06 11.52
C TRP B 296 11.41 2.30 10.70
N TYR B 297 11.76 2.85 9.55
CA TYR B 297 13.00 2.46 8.84
C TYR B 297 13.85 3.71 8.65
N LEU B 298 15.06 3.70 9.16
CA LEU B 298 15.96 4.90 9.05
C LEU B 298 16.55 4.97 7.62
N ASP B 299 15.97 5.86 6.79
CA ASP B 299 16.42 6.12 5.39
C ASP B 299 17.64 7.06 5.44
N GLN B 300 18.18 7.47 4.30
CA GLN B 300 19.44 8.26 4.30
C GLN B 300 19.21 9.58 5.04
N THR B 301 18.07 10.23 4.88
CA THR B 301 17.78 11.53 5.53
C THR B 301 17.82 11.35 7.05
N LEU B 302 17.17 10.30 7.55
CA LEU B 302 17.07 10.08 9.01
C LEU B 302 18.43 9.68 9.57
N ARG B 303 19.21 8.82 8.90
CA ARG B 303 20.56 8.42 9.42
C ARG B 303 21.46 9.65 9.55
N LYS B 304 21.41 10.54 8.56
CA LYS B 304 22.32 11.73 8.52
C LYS B 304 21.96 12.64 9.68
N ARG B 305 20.67 12.88 9.89
CA ARG B 305 20.13 13.70 11.00
C ARG B 305 20.49 13.09 12.34
N LEU B 306 20.40 11.75 12.49
CA LEU B 306 20.80 11.05 13.74
C LEU B 306 22.28 11.34 14.02
N TYR B 307 23.14 11.29 13.02
CA TYR B 307 24.59 11.60 13.21
C TYR B 307 24.78 13.08 13.59
N GLU B 308 24.26 13.98 12.74
N GLU B 308 24.24 13.99 12.78
CA GLU B 308 24.36 15.46 12.87
CA GLU B 308 24.45 15.46 12.93
C GLU B 308 23.87 15.89 14.26
C GLU B 308 23.87 15.93 14.26
N GLU B 309 22.59 15.63 14.54
CA GLU B 309 21.92 16.12 15.78
C GLU B 309 22.39 15.40 17.05
N TYR B 310 22.67 14.08 17.05
CA TYR B 310 22.85 13.32 18.32
C TYR B 310 24.22 12.67 18.43
N GLY B 311 25.05 12.70 17.38
CA GLY B 311 26.41 12.15 17.44
C GLY B 311 26.44 10.63 17.28
N VAL B 312 25.36 10.02 16.80
CA VAL B 312 25.24 8.53 16.71
C VAL B 312 25.52 8.04 15.29
N GLN B 313 26.47 7.13 15.14
CA GLN B 313 27.02 6.63 13.87
C GLN B 313 26.34 5.30 13.45
N GLY B 314 26.54 4.21 14.17
CA GLY B 314 26.05 2.87 13.75
C GLY B 314 26.91 2.21 12.67
N TRP B 315 26.66 0.93 12.38
CA TRP B 315 27.45 0.09 11.47
C TRP B 315 26.57 -0.25 10.26
N ALA B 316 27.00 0.02 9.03
CA ALA B 316 26.35 -0.39 7.77
C ALA B 316 27.03 -1.66 7.27
N ILE B 317 26.33 -2.78 7.33
CA ILE B 317 26.87 -4.13 7.02
C ILE B 317 26.12 -4.73 5.84
N VAL B 318 26.84 -5.18 4.82
CA VAL B 318 26.32 -6.07 3.78
C VAL B 318 26.58 -7.52 4.16
N GLN B 319 25.49 -8.30 4.31
CA GLN B 319 25.55 -9.74 4.64
C GLN B 319 25.48 -10.51 3.33
N PHE B 320 26.57 -11.19 2.95
CA PHE B 320 26.64 -12.02 1.74
C PHE B 320 26.21 -13.46 2.09
N LEU B 321 26.07 -14.33 1.10
CA LEU B 321 25.83 -15.77 1.31
C LEU B 321 26.90 -16.33 2.25
N GLY B 322 26.46 -16.96 3.35
CA GLY B 322 27.27 -17.68 4.36
C GLY B 322 27.79 -16.77 5.47
N ASP B 323 27.44 -15.49 5.48
CA ASP B 323 27.86 -14.52 6.52
C ASP B 323 26.92 -14.67 7.74
N ALA B 324 27.51 -14.88 8.92
CA ALA B 324 26.83 -14.86 10.21
C ALA B 324 27.07 -13.52 10.87
N VAL B 325 25.98 -12.80 11.18
CA VAL B 325 26.00 -11.52 11.90
C VAL B 325 25.62 -11.74 13.36
N PHE B 326 26.54 -11.37 14.27
CA PHE B 326 26.29 -11.42 15.73
C PHE B 326 25.77 -10.07 16.20
N ILE B 327 24.61 -10.09 16.86
CA ILE B 327 23.83 -8.87 17.29
C ILE B 327 23.76 -8.83 18.81
N PRO B 328 24.40 -7.85 19.50
CA PRO B 328 24.32 -7.72 20.96
C PRO B 328 22.90 -7.45 21.43
N ALA B 329 22.50 -8.10 22.54
CA ALA B 329 21.23 -7.80 23.26
C ALA B 329 21.06 -6.27 23.37
N GLY B 330 19.91 -5.77 22.95
CA GLY B 330 19.54 -4.36 23.09
C GLY B 330 20.10 -3.46 21.99
N ALA B 331 20.91 -3.96 21.06
CA ALA B 331 21.44 -3.13 19.94
C ALA B 331 20.31 -2.94 18.94
N PRO B 332 19.79 -1.71 18.73
CA PRO B 332 18.77 -1.52 17.69
C PRO B 332 19.27 -1.82 16.28
N HIS B 333 18.44 -2.45 15.45
CA HIS B 333 18.86 -2.82 14.09
C HIS B 333 17.67 -2.88 13.12
N GLN B 334 17.98 -2.74 11.85
CA GLN B 334 17.03 -2.79 10.71
C GLN B 334 17.68 -3.55 9.57
N VAL B 335 16.86 -4.15 8.70
CA VAL B 335 17.36 -5.02 7.60
C VAL B 335 16.62 -4.63 6.30
N HIS B 336 17.37 -4.55 5.19
CA HIS B 336 16.82 -4.23 3.84
C HIS B 336 17.32 -5.25 2.84
N ASN B 337 16.48 -6.21 2.38
CA ASN B 337 16.95 -7.26 1.44
C ASN B 337 17.24 -6.60 0.07
N LEU B 338 18.45 -6.84 -0.45
CA LEU B 338 18.91 -6.46 -1.80
C LEU B 338 18.42 -7.45 -2.85
N TYR B 339 18.42 -8.75 -2.53
CA TYR B 339 17.92 -9.87 -3.38
C TYR B 339 17.03 -10.75 -2.47
N SER B 340 16.39 -11.79 -2.99
CA SER B 340 15.59 -12.69 -2.15
C SER B 340 16.54 -13.47 -1.23
N CYS B 341 16.19 -13.56 0.04
CA CYS B 341 17.08 -14.13 1.10
C CYS B 341 16.38 -15.21 1.91
N ILE B 342 17.08 -16.33 2.21
CA ILE B 342 16.74 -17.22 3.34
C ILE B 342 17.78 -17.00 4.47
N LYS B 343 17.34 -16.55 5.63
CA LYS B 343 18.21 -16.38 6.84
C LYS B 343 17.72 -17.34 7.94
N VAL B 344 18.62 -17.80 8.83
CA VAL B 344 18.19 -18.54 10.05
C VAL B 344 18.93 -17.95 11.23
N ALA B 345 18.20 -17.63 12.30
CA ALA B 345 18.75 -16.96 13.51
C ALA B 345 18.56 -17.81 14.76
N GLU B 346 19.54 -17.78 15.68
CA GLU B 346 19.47 -18.48 16.99
C GLU B 346 19.73 -17.45 18.10
N ASP B 347 18.89 -17.40 19.12
CA ASP B 347 19.12 -16.51 20.30
C ASP B 347 20.04 -17.24 21.30
N PHE B 348 20.79 -16.50 22.09
CA PHE B 348 21.66 -17.05 23.16
C PHE B 348 21.87 -15.95 24.22
N VAL B 349 22.53 -16.31 25.33
CA VAL B 349 22.84 -15.34 26.44
C VAL B 349 24.31 -15.46 26.79
N SER B 350 25.13 -14.47 26.40
CA SER B 350 26.57 -14.45 26.81
C SER B 350 26.72 -13.88 28.24
N PRO B 351 27.76 -14.29 28.95
CA PRO B 351 28.13 -13.67 30.24
C PRO B 351 28.36 -12.16 30.14
N GLU B 352 28.99 -11.72 29.06
CA GLU B 352 29.34 -10.29 28.78
C GLU B 352 28.08 -9.44 28.84
N HIS B 353 26.91 -9.97 28.43
CA HIS B 353 25.69 -9.16 28.27
C HIS B 353 24.57 -9.57 29.24
N VAL B 354 24.84 -10.36 30.27
CA VAL B 354 23.76 -10.91 31.16
C VAL B 354 23.05 -9.77 31.92
N LYS B 355 23.76 -8.72 32.31
CA LYS B 355 23.10 -7.58 33.02
C LYS B 355 22.10 -6.89 32.08
N HIS B 356 22.51 -6.63 30.84
CA HIS B 356 21.62 -6.08 29.78
C HIS B 356 20.39 -6.96 29.60
N CYS B 357 20.56 -8.29 29.46
CA CYS B 357 19.43 -9.24 29.25
C CYS B 357 18.38 -9.13 30.40
N PHE B 358 18.83 -9.00 31.67
CA PHE B 358 17.93 -8.78 32.84
C PHE B 358 17.11 -7.48 32.64
N ARG B 359 17.79 -6.39 32.32
CA ARG B 359 17.16 -5.04 32.22
C ARG B 359 16.20 -5.00 31.03
N LEU B 360 16.58 -5.57 29.90
CA LEU B 360 15.72 -5.59 28.69
C LEU B 360 14.49 -6.46 28.92
N THR B 361 14.61 -7.58 29.65
CA THR B 361 13.47 -8.48 29.96
C THR B 361 12.48 -7.70 30.84
N GLN B 362 12.99 -7.03 31.84
CA GLN B 362 12.18 -6.16 32.75
C GLN B 362 11.41 -5.13 31.90
N GLU B 363 12.09 -4.39 31.00
CA GLU B 363 11.45 -3.30 30.20
C GLU B 363 10.44 -3.92 29.23
N PHE B 364 10.71 -5.11 28.68
CA PHE B 364 9.76 -5.81 27.79
C PHE B 364 8.46 -6.11 28.55
N ARG B 365 8.54 -6.63 29.76
CA ARG B 365 7.38 -6.92 30.63
C ARG B 365 6.61 -5.62 30.91
N HIS B 366 7.31 -4.52 31.19
CA HIS B 366 6.67 -3.20 31.48
C HIS B 366 5.88 -2.69 30.26
N LEU B 367 6.51 -2.73 29.09
CA LEU B 367 5.92 -2.26 27.80
C LEU B 367 4.77 -3.18 27.40
N SER B 368 4.70 -4.39 27.94
CA SER B 368 3.66 -5.40 27.61
C SER B 368 2.29 -4.95 28.11
N ASN B 369 2.17 -4.58 29.40
CA ASN B 369 0.89 -4.28 30.10
C ASN B 369 0.94 -2.86 30.66
C10 S5G C . -37.81 8.38 -18.39
C01 S5G C . -33.96 8.32 -18.40
C03 S5G C . -35.39 9.37 -20.28
C06 S5G C . -36.89 10.72 -18.53
C09 S5G C . -36.68 9.41 -18.02
C11 S5G C . -36.45 9.44 -16.49
N02 S5G C . -35.19 8.97 -18.94
N07 S5G C . -38.27 11.32 -18.17
O08 S5G C . -38.08 12.73 -17.89
S04 S5G C . -34.28 9.29 -21.45
S05 S5G C . -36.71 10.53 -20.22
CL CL D . -30.83 -7.97 -8.94
CL CL E . -27.59 9.29 10.06
CL CL F . -8.80 13.06 -8.57
CL CL G . -14.41 -7.21 -18.51
MN MN H . -13.86 5.48 -9.35
CL CL I . 14.22 -31.36 7.32
MN MN J . 16.23 -8.62 15.36
#